data_9JH6
#
_entry.id   9JH6
#
loop_
_entity.id
_entity.type
_entity.pdbx_description
1 polymer 'Cysteinyl leukotriene receptor 2'
2 polymer 'Guanine nucleotide-binding protein G(I)/G(S)/G(O) subunit gamma-2'
3 polymer scFv16
4 polymer 'Guanine nucleotide-binding protein G(i) subunit alpha-1'
5 polymer 'Guanine nucleotide-binding protein G(I)/G(S)/G(T) subunit beta-1'
6 polymer Nb35
7 non-polymer Cer(d18:0/20:0)
#
loop_
_entity_poly.entity_id
_entity_poly.type
_entity_poly.pdbx_seq_one_letter_code
_entity_poly.pdbx_strand_id
1 'polypeptide(L)'
;MERKFMSLQPSISVSEMEPNGTFSNNNSRNCTIENFKREFFPIVYLIIFFWGVLGNGLSIYVFLQPYKKSTSVNVFMLNL
AISDLLFISTLPFRADYYLRGSNWIFGDLACRIMSYSLYVNMYSSIYFLTVLSVVRFLAMVHPFRLLHVTSIRSAWILCG
IIWILIMASSIMLLDSGSEQNGSVTSCLELNLFKIAKLQTMNYIALVVGCLLPFFTLSICYLLIIRVLLKVEVPESGLRV
SHRKALTTIIITLIIFFLCFLPYHTLRTVHLTTWKVGLCKDRLHKALVITLALAAANACFNPLLYYFAGENFKDRLKSAL
RKGHPQKAKTKCVFPVSVWLRKETRV
;
R
2 'polypeptide(L)' NTASIAQARKLVEQLKMEANIDRIKVSKAAADLMAYCEAHAKEDPLLTPVPASENPFRE C
3 'polypeptide(L)'
;DVQLVESGGGLVQPGGSRKLSCSASGFAFSSFGMHWVRQAPEKGLEWVAYISSGSGTIYYADTVKGRFTISRDDPKNTLF
LQMTSLRSEDTAMYYCVRSIYYYGSSPFDFWGQGTTLTVSSGGGGSGGGGSGGGSSDIVMTQATSSVPVTPGESVSISCR
SSKSLLHSNGNTYLYWFLQRPGQSPQLLIYRMSNLASGVPDRFSGSGSGTAFTLTISRLEAEDVGVYYCMQHLEYPLTFG
AGTKLELKGS
;
S
4 'polypeptide(L)'
;MGCTLSAEDKAAVERSKMIEKQLQKDKQVYRRTLRLLLLGADNSGKSTIVKQMRIYHVNGYSEEECKQYKAVVYSNTIQS
IIAIIRAMGRLKIDFGDSARADDARQLFVLAGAAEEGFMTAELAGVIKRLWKDSGVQACFNRSREYQLNDSAAYYLNDLD
RIAQPNYIPTQQDVLRTRVKTSGIFETKFQVDKVNFHMFDVGAQRDERRKWIQCFNDVTAIIFVVDSSDYNRLQEALNDF
KSIWNNRWLRTISVILFLNKQDLLAEKVLAGKSKIEDYFPEFARYTTPEDATPEPGEDPRVTRAKYFIRKEFVDISTASG
DGRHICYPHFTCSVDTENARRIFNDCKDIILQMNLREYNLV
;
A
5 'polypeptide(L)'
;MHHHHHHLEVLFQGPGSSQSELDQLRQEAEQLKNQIRDARKACADATLSQITNNIDPVGRIQMRTRRTLRGHLAKIYAMH
WGTDSRLLVSASQDGKLIIWDSYTTNKVHAIPLRSSWVMTCAYAPSGNYVACGGLDNICSIYNLKTREGNVRVSRELAGH
TGYLSCCRFLDDNQIVTSSGDTTCALWDIETGQQTTTFTGHTGDVMSLSLAPDTRLFVSGACDASAKLWDVREGMCRQTF
TGHESDINAICFFPNGNAFATGSDDATCRLFDLRADQELMTYSHDNIICGITSVSFSKSGRLLLAGYDDFNCNVWDALKA
DRAGVLAGHDNRVSCLGVTDDGMAVATGSWDSFLKIWN
;
B
6 'polypeptide(L)'
;MKYLLPTAAAGLLLLAAQPAMAMQVQLQESGGGLVQPGGSLRLSCAASGFTFSNYKMNWVRQAPGKGLEWVSDISQSGAS
ISYTGSVKGRFTISRDNAKNTLYLQMNSLKPEDTAVYYCARCPAPFTRDCFDVTSTTYAYRGQGTQVTVSS
;
N
#
# COMPACT_ATOMS: atom_id res chain seq x y z
N GLU A 34 58.58 -8.84 17.73
CA GLU A 34 59.79 -9.60 18.02
C GLU A 34 59.59 -10.59 19.15
N ASN A 35 59.11 -10.10 20.30
CA ASN A 35 58.96 -10.96 21.46
C ASN A 35 57.88 -12.01 21.24
N PHE A 36 56.70 -11.58 20.80
CA PHE A 36 55.62 -12.46 20.35
C PHE A 36 55.02 -13.29 21.48
N LYS A 37 55.61 -13.27 22.68
CA LYS A 37 55.16 -14.13 23.76
C LYS A 37 54.04 -13.42 24.50
N ARG A 38 52.83 -13.59 23.96
CA ARG A 38 51.65 -12.89 24.44
C ARG A 38 50.63 -13.92 24.94
N GLU A 39 50.37 -13.90 26.24
CA GLU A 39 49.45 -14.82 26.88
C GLU A 39 48.04 -14.25 26.99
N PHE A 40 47.80 -13.06 26.45
CA PHE A 40 46.50 -12.44 26.51
C PHE A 40 45.65 -12.71 25.27
N PHE A 41 46.30 -12.96 24.14
CA PHE A 41 45.57 -13.26 22.91
C PHE A 41 44.61 -14.43 23.02
N PRO A 42 44.96 -15.58 23.62
CA PRO A 42 43.96 -16.66 23.71
C PRO A 42 42.64 -16.22 24.35
N ILE A 43 42.70 -15.76 25.59
CA ILE A 43 41.47 -15.41 26.31
C ILE A 43 40.74 -14.25 25.63
N VAL A 44 41.48 -13.20 25.26
CA VAL A 44 40.83 -12.04 24.68
C VAL A 44 40.22 -12.39 23.34
N TYR A 45 40.90 -13.22 22.56
CA TYR A 45 40.43 -13.53 21.22
C TYR A 45 39.17 -14.37 21.30
N LEU A 46 39.12 -15.32 22.24
CA LEU A 46 37.88 -16.09 22.43
C LEU A 46 36.72 -15.20 22.89
N ILE A 47 36.98 -14.27 23.80
CA ILE A 47 35.87 -13.41 24.25
C ILE A 47 35.33 -12.57 23.09
N ILE A 48 36.24 -11.98 22.30
CA ILE A 48 35.82 -11.23 21.13
C ILE A 48 35.06 -12.13 20.17
N PHE A 49 35.53 -13.35 19.99
CA PHE A 49 34.85 -14.29 19.12
C PHE A 49 33.40 -14.49 19.56
N PHE A 50 33.21 -14.79 20.84
CA PHE A 50 31.86 -15.02 21.35
C PHE A 50 30.95 -13.83 21.08
N TRP A 51 31.38 -12.64 21.53
CA TRP A 51 30.49 -11.49 21.39
C TRP A 51 30.24 -11.15 19.94
N GLY A 52 31.27 -11.20 19.11
CA GLY A 52 31.10 -10.86 17.71
C GLY A 52 30.20 -11.83 16.97
N VAL A 53 30.37 -13.13 17.19
CA VAL A 53 29.53 -14.08 16.50
C VAL A 53 28.09 -13.91 16.93
N LEU A 54 27.84 -13.73 18.22
CA LEU A 54 26.46 -13.52 18.68
C LEU A 54 25.85 -12.30 17.99
N GLY A 55 26.53 -11.15 18.09
CA GLY A 55 25.96 -9.93 17.58
C GLY A 55 25.75 -9.95 16.08
N ASN A 56 26.77 -10.38 15.34
CA ASN A 56 26.67 -10.31 13.88
C ASN A 56 25.75 -11.39 13.33
N GLY A 57 25.71 -12.57 13.95
CA GLY A 57 24.75 -13.57 13.52
C GLY A 57 23.32 -13.09 13.72
N LEU A 58 23.05 -12.48 14.87
CA LEU A 58 21.72 -11.92 15.09
C LEU A 58 21.41 -10.84 14.06
N SER A 59 22.39 -9.99 13.76
CA SER A 59 22.17 -8.92 12.79
C SER A 59 21.87 -9.49 11.42
N ILE A 60 22.58 -10.53 11.00
CA ILE A 60 22.29 -11.09 9.69
C ILE A 60 20.92 -11.76 9.70
N TYR A 61 20.58 -12.46 10.77
CA TYR A 61 19.29 -13.14 10.81
C TYR A 61 18.14 -12.15 10.84
N VAL A 62 18.40 -10.89 11.20
CA VAL A 62 17.34 -9.87 11.18
C VAL A 62 17.45 -8.91 10.01
N PHE A 63 18.52 -8.99 9.21
CA PHE A 63 18.59 -8.22 7.98
C PHE A 63 18.08 -8.99 6.77
N LEU A 64 17.65 -10.23 6.94
CA LEU A 64 17.11 -11.00 5.82
C LEU A 64 15.66 -11.29 6.10
N GLN A 65 14.82 -10.27 5.88
CA GLN A 65 13.37 -10.32 5.89
C GLN A 65 12.89 -9.13 5.08
N PRO A 66 11.76 -9.23 4.42
CA PRO A 66 11.28 -8.09 3.63
C PRO A 66 11.09 -6.84 4.46
N TYR A 67 10.22 -6.93 5.47
CA TYR A 67 9.99 -5.87 6.45
C TYR A 67 9.86 -4.48 5.82
N LYS A 68 8.75 -4.23 5.12
CA LYS A 68 8.29 -2.86 4.89
C LYS A 68 9.32 -2.04 4.10
N LYS A 69 9.44 -2.38 2.81
CA LYS A 69 10.22 -1.57 1.88
C LYS A 69 11.70 -1.52 2.27
N SER A 70 12.34 -2.67 2.11
CA SER A 70 13.79 -2.79 2.32
C SER A 70 14.51 -1.62 1.68
N THR A 71 15.16 -0.80 2.50
CA THR A 71 15.63 0.51 2.08
C THR A 71 16.94 0.40 1.30
N SER A 72 17.35 1.53 0.73
CA SER A 72 18.66 1.59 0.10
C SER A 72 19.76 1.40 1.13
N VAL A 73 19.64 2.05 2.28
CA VAL A 73 20.61 1.79 3.35
C VAL A 73 20.12 0.62 4.18
N ASN A 74 20.26 -0.56 3.61
CA ASN A 74 20.15 -1.81 4.35
C ASN A 74 21.31 -2.66 3.90
N VAL A 75 21.69 -2.48 2.63
CA VAL A 75 22.79 -3.24 2.07
C VAL A 75 24.10 -2.86 2.75
N PHE A 76 24.26 -1.59 3.12
CA PHE A 76 25.48 -1.18 3.78
C PHE A 76 25.58 -1.82 5.16
N MET A 77 24.50 -1.82 5.93
CA MET A 77 24.54 -2.49 7.22
C MET A 77 24.76 -3.98 7.06
N LEU A 78 24.11 -4.59 6.07
CA LEU A 78 24.31 -6.02 5.86
C LEU A 78 25.76 -6.32 5.49
N ASN A 79 26.37 -5.46 4.68
CA ASN A 79 27.74 -5.68 4.29
C ASN A 79 28.68 -5.50 5.46
N LEU A 80 28.43 -4.51 6.32
CA LEU A 80 29.21 -4.40 7.53
C LEU A 80 29.10 -5.67 8.36
N ALA A 81 27.88 -6.19 8.48
CA ALA A 81 27.67 -7.40 9.25
C ALA A 81 28.45 -8.57 8.68
N ILE A 82 28.36 -8.78 7.36
CA ILE A 82 29.01 -9.96 6.78
C ILE A 82 30.52 -9.80 6.78
N SER A 83 31.01 -8.57 6.60
CA SER A 83 32.45 -8.36 6.69
C SER A 83 32.96 -8.66 8.09
N ASP A 84 32.25 -8.17 9.11
CA ASP A 84 32.66 -8.48 10.47
C ASP A 84 32.58 -9.98 10.74
N LEU A 85 31.54 -10.64 10.22
CA LEU A 85 31.37 -12.06 10.49
C LEU A 85 32.46 -12.89 9.83
N LEU A 86 32.79 -12.58 8.57
CA LEU A 86 33.88 -13.28 7.91
C LEU A 86 35.19 -12.98 8.61
N PHE A 87 35.36 -11.76 9.11
CA PHE A 87 36.56 -11.45 9.88
C PHE A 87 36.68 -12.35 11.09
N ILE A 88 35.63 -12.41 11.91
CA ILE A 88 35.68 -13.15 13.17
C ILE A 88 35.57 -14.66 13.00
N SER A 89 35.17 -15.14 11.83
CA SER A 89 35.20 -16.58 11.60
C SER A 89 36.62 -17.11 11.66
N THR A 90 37.60 -16.28 11.33
CA THR A 90 38.99 -16.70 11.29
C THR A 90 39.69 -16.61 12.64
N LEU A 91 39.20 -15.80 13.56
CA LEU A 91 39.92 -15.54 14.81
C LEU A 91 40.18 -16.79 15.64
N PRO A 92 39.24 -17.73 15.79
CA PRO A 92 39.57 -18.95 16.53
C PRO A 92 40.76 -19.70 15.96
N PHE A 93 41.00 -19.57 14.65
CA PHE A 93 42.15 -20.22 14.06
C PHE A 93 43.45 -19.64 14.59
N ARG A 94 43.54 -18.31 14.71
CA ARG A 94 44.72 -17.72 15.32
C ARG A 94 44.81 -18.04 16.80
N ALA A 95 43.67 -18.15 17.48
CA ALA A 95 43.70 -18.62 18.85
C ALA A 95 44.35 -19.99 18.94
N ASP A 96 43.93 -20.90 18.07
CA ASP A 96 44.48 -22.25 18.06
C ASP A 96 45.98 -22.20 17.74
N TYR A 97 46.36 -21.32 16.81
CA TYR A 97 47.78 -21.03 16.59
C TYR A 97 48.48 -20.74 17.90
N TYR A 98 47.95 -19.79 18.67
CA TYR A 98 48.72 -19.23 19.77
C TYR A 98 48.78 -20.17 20.96
N LEU A 99 47.71 -20.94 21.20
CA LEU A 99 47.72 -21.87 22.33
C LEU A 99 48.91 -22.82 22.26
N ARG A 100 49.17 -23.38 21.08
CA ARG A 100 50.26 -24.34 20.91
C ARG A 100 51.48 -23.73 20.23
N GLY A 101 51.68 -22.42 20.35
CA GLY A 101 52.82 -21.77 19.76
C GLY A 101 52.90 -21.95 18.26
N SER A 102 53.85 -22.76 17.79
CA SER A 102 53.92 -23.12 16.39
C SER A 102 52.84 -24.15 16.11
N ASN A 103 51.66 -23.69 15.77
CA ASN A 103 50.55 -24.62 15.66
C ASN A 103 49.96 -24.66 14.27
N TRP A 104 49.78 -23.51 13.62
CA TRP A 104 49.12 -23.50 12.32
C TRP A 104 50.02 -24.01 11.21
N ILE A 105 51.19 -24.56 11.56
CA ILE A 105 51.82 -25.52 10.67
C ILE A 105 50.84 -26.65 10.37
N PHE A 106 49.86 -26.86 11.26
CA PHE A 106 48.70 -27.70 10.94
C PHE A 106 47.98 -27.20 9.70
N GLY A 107 48.05 -25.89 9.42
CA GLY A 107 47.36 -25.36 8.27
C GLY A 107 47.86 -25.94 6.95
N ASP A 108 49.11 -26.39 6.92
CA ASP A 108 49.75 -27.00 5.75
C ASP A 108 49.47 -26.18 4.49
N LEU A 109 50.01 -24.96 4.49
CA LEU A 109 50.00 -24.01 3.39
C LEU A 109 48.65 -23.29 3.29
N ALA A 110 47.79 -23.44 4.29
CA ALA A 110 46.60 -22.62 4.40
C ALA A 110 46.85 -21.34 5.18
N CYS A 111 48.12 -21.02 5.46
CA CYS A 111 48.45 -19.86 6.28
C CYS A 111 48.43 -18.55 5.52
N ARG A 112 48.45 -18.58 4.19
CA ARG A 112 48.39 -17.35 3.41
C ARG A 112 46.98 -17.03 2.97
N ILE A 113 45.99 -17.74 3.49
CA ILE A 113 44.59 -17.39 3.29
C ILE A 113 43.96 -16.84 4.56
N MET A 114 44.26 -17.45 5.71
CA MET A 114 43.83 -16.87 6.97
C MET A 114 44.49 -15.52 7.20
N SER A 115 45.76 -15.40 6.81
CA SER A 115 46.44 -14.11 6.92
C SER A 115 45.75 -13.06 6.07
N TYR A 116 45.28 -13.44 4.88
CA TYR A 116 44.51 -12.52 4.07
C TYR A 116 43.19 -12.16 4.75
N SER A 117 42.42 -13.18 5.13
CA SER A 117 41.08 -12.94 5.67
C SER A 117 41.12 -12.14 6.97
N LEU A 118 42.25 -12.19 7.67
CA LEU A 118 42.43 -11.30 8.82
C LEU A 118 42.50 -9.85 8.39
N TYR A 119 42.89 -9.59 7.15
CA TYR A 119 43.13 -8.22 6.68
C TYR A 119 42.25 -7.81 5.52
N VAL A 120 41.86 -8.72 4.63
CA VAL A 120 41.04 -8.33 3.50
C VAL A 120 39.70 -7.78 3.93
N ASN A 121 39.10 -8.33 4.98
CA ASN A 121 37.78 -7.86 5.39
C ASN A 121 37.80 -6.97 6.61
N MET A 122 38.86 -7.04 7.43
CA MET A 122 38.99 -6.09 8.52
C MET A 122 39.06 -4.66 8.00
N TYR A 123 39.77 -4.46 6.88
CA TYR A 123 39.76 -3.15 6.24
C TYR A 123 38.45 -2.91 5.51
N SER A 124 37.83 -3.98 5.00
CA SER A 124 36.55 -3.83 4.33
C SER A 124 35.49 -3.28 5.28
N SER A 125 35.49 -3.75 6.52
CA SER A 125 34.57 -3.22 7.51
C SER A 125 34.76 -1.73 7.69
N ILE A 126 36.01 -1.25 7.59
CA ILE A 126 36.25 0.19 7.70
C ILE A 126 35.55 0.94 6.58
N TYR A 127 35.65 0.44 5.36
CA TYR A 127 35.05 1.17 4.24
C TYR A 127 33.54 1.10 4.27
N PHE A 128 32.97 -0.04 4.68
CA PHE A 128 31.52 -0.06 4.82
C PHE A 128 31.06 0.87 5.93
N LEU A 129 31.82 0.95 7.02
CA LEU A 129 31.51 1.89 8.08
C LEU A 129 31.57 3.33 7.58
N THR A 130 32.59 3.65 6.79
CA THR A 130 32.69 4.99 6.22
C THR A 130 31.53 5.30 5.30
N VAL A 131 31.14 4.33 4.46
CA VAL A 131 30.01 4.54 3.57
C VAL A 131 28.73 4.77 4.37
N LEU A 132 28.54 4.01 5.44
CA LEU A 132 27.38 4.21 6.28
C LEU A 132 27.39 5.58 6.91
N SER A 133 28.57 6.05 7.33
CA SER A 133 28.66 7.40 7.88
C SER A 133 28.29 8.45 6.85
N VAL A 134 28.76 8.28 5.61
CA VAL A 134 28.45 9.26 4.57
C VAL A 134 26.94 9.26 4.28
N VAL A 135 26.32 8.09 4.29
CA VAL A 135 24.88 8.03 4.11
C VAL A 135 24.16 8.76 5.24
N ARG A 136 24.68 8.71 6.45
CA ARG A 136 24.00 9.39 7.52
C ARG A 136 24.16 10.81 7.41
N PHE A 137 25.32 11.22 7.00
CA PHE A 137 25.58 12.62 6.87
C PHE A 137 24.68 13.18 5.88
N LEU A 138 24.54 12.54 4.72
CA LEU A 138 23.72 12.94 3.66
C LEU A 138 22.39 13.14 4.17
N ALA A 139 21.82 12.12 4.79
CA ALA A 139 20.52 12.18 5.39
C ALA A 139 20.30 13.39 6.19
N MET A 140 20.97 13.54 7.31
CA MET A 140 20.73 14.73 8.07
C MET A 140 20.91 16.02 7.46
N VAL A 141 22.10 16.20 6.95
CA VAL A 141 22.41 17.48 6.57
C VAL A 141 21.89 17.85 5.27
N HIS A 142 21.37 16.95 4.46
CA HIS A 142 20.96 17.33 3.17
C HIS A 142 19.77 16.50 2.93
N PRO A 143 18.82 16.50 3.85
CA PRO A 143 17.67 15.67 3.58
C PRO A 143 16.91 16.02 2.31
N PHE A 144 16.85 17.21 1.78
CA PHE A 144 16.07 17.50 0.56
C PHE A 144 16.86 17.52 -0.71
N ARG A 145 17.61 16.48 -0.80
CA ARG A 145 18.45 16.09 -1.93
C ARG A 145 18.61 14.58 -1.79
N LEU A 146 17.75 13.85 -2.47
CA LEU A 146 17.61 12.42 -2.21
C LEU A 146 18.81 11.71 -2.82
N LEU A 147 19.88 11.63 -2.03
CA LEU A 147 21.10 10.97 -2.45
C LEU A 147 21.42 9.74 -1.62
N HIS A 148 20.63 9.42 -0.64
CA HIS A 148 20.90 8.21 0.09
C HIS A 148 19.83 7.22 -0.28
N VAL A 149 19.63 7.13 -1.57
CA VAL A 149 18.70 6.26 -2.13
C VAL A 149 19.31 5.51 -3.27
N THR A 150 18.44 5.00 -4.11
CA THR A 150 18.66 4.17 -5.25
C THR A 150 18.95 2.75 -5.26
N SER A 151 18.09 2.04 -4.59
CA SER A 151 18.30 0.80 -3.99
C SER A 151 18.37 -0.34 -4.79
N ILE A 152 19.10 -1.28 -4.24
CA ILE A 152 19.32 -2.53 -4.88
C ILE A 152 19.77 -2.60 -6.34
N ARG A 153 20.86 -1.92 -6.55
CA ARG A 153 21.60 -1.90 -7.77
C ARG A 153 22.60 -1.04 -7.14
N SER A 154 22.38 0.28 -7.21
CA SER A 154 23.27 1.33 -6.73
C SER A 154 24.02 0.94 -5.53
N ALA A 155 23.32 0.60 -4.47
CA ALA A 155 23.89 0.12 -3.26
C ALA A 155 24.72 -1.04 -3.56
N TRP A 156 24.15 -2.08 -4.06
CA TRP A 156 25.12 -3.11 -4.16
C TRP A 156 26.24 -2.71 -5.02
N ILE A 157 25.97 -2.22 -6.21
CA ILE A 157 27.17 -2.09 -7.02
C ILE A 157 28.28 -1.40 -6.24
N LEU A 158 27.94 -0.48 -5.34
CA LEU A 158 28.97 0.10 -4.48
C LEU A 158 29.60 -0.97 -3.60
N CYS A 159 28.79 -1.86 -3.03
CA CYS A 159 29.33 -3.01 -2.32
C CYS A 159 30.28 -3.81 -3.21
N GLY A 160 29.85 -4.09 -4.43
CA GLY A 160 30.69 -4.89 -5.32
C GLY A 160 32.01 -4.21 -5.62
N ILE A 161 31.97 -2.91 -5.89
CA ILE A 161 33.19 -2.18 -6.17
C ILE A 161 34.12 -2.22 -4.96
N ILE A 162 33.57 -2.00 -3.77
CA ILE A 162 34.39 -2.02 -2.56
C ILE A 162 35.08 -3.37 -2.42
N TRP A 163 34.31 -4.45 -2.54
CA TRP A 163 34.88 -5.78 -2.34
C TRP A 163 35.93 -6.10 -3.39
N ILE A 164 35.69 -5.91 -4.67
CA ILE A 164 36.77 -6.30 -5.50
C ILE A 164 37.93 -5.33 -5.44
N LEU A 165 37.65 -4.08 -5.14
CA LEU A 165 38.68 -3.13 -5.09
C LEU A 165 39.61 -3.46 -4.04
N ILE A 166 39.05 -3.65 -2.88
CA ILE A 166 39.85 -4.04 -1.76
C ILE A 166 40.49 -5.36 -2.00
N MET A 167 39.78 -6.30 -2.57
CA MET A 167 40.32 -7.55 -2.90
C MET A 167 41.61 -7.47 -3.63
N ALA A 168 41.69 -6.72 -4.69
CA ALA A 168 42.91 -6.69 -5.46
C ALA A 168 44.05 -6.12 -4.75
N SER A 169 43.70 -5.07 -4.05
CA SER A 169 44.71 -4.37 -3.32
C SER A 169 45.33 -5.26 -2.32
N SER A 170 44.55 -5.95 -1.59
CA SER A 170 45.31 -6.66 -0.68
C SER A 170 45.76 -8.02 -1.19
N ILE A 171 45.29 -8.49 -2.36
CA ILE A 171 45.84 -9.72 -2.84
C ILE A 171 47.30 -9.56 -2.92
N MET A 172 47.87 -8.39 -3.26
CA MET A 172 49.42 -8.45 -3.21
C MET A 172 49.78 -8.81 -1.72
N LEU A 173 49.48 -10.05 -1.28
CA LEU A 173 49.85 -10.81 -0.09
C LEU A 173 49.95 -12.31 -0.29
N LEU A 174 49.33 -12.85 -1.35
CA LEU A 174 49.23 -14.30 -1.50
C LEU A 174 50.28 -14.91 -2.41
N ASP A 175 51.16 -14.10 -2.99
CA ASP A 175 52.12 -14.62 -3.96
C ASP A 175 53.30 -13.66 -4.14
N LYS A 194 56.93 -16.91 8.19
CA LYS A 194 57.32 -15.73 8.94
C LYS A 194 56.61 -14.49 8.41
N ILE A 195 57.19 -13.88 7.39
CA ILE A 195 56.65 -12.67 6.79
C ILE A 195 57.35 -12.47 5.46
N ALA A 196 56.74 -11.67 4.58
CA ALA A 196 57.36 -11.28 3.31
C ALA A 196 57.64 -9.78 3.36
N LYS A 197 58.92 -9.42 3.39
CA LYS A 197 59.30 -8.04 3.69
C LYS A 197 58.89 -7.06 2.62
N LEU A 198 57.82 -6.30 2.88
CA LEU A 198 57.40 -5.20 2.01
C LEU A 198 56.77 -4.14 2.91
N GLN A 199 57.58 -3.16 3.30
CA GLN A 199 57.05 -2.04 4.08
C GLN A 199 56.09 -1.21 3.25
N THR A 200 56.35 -1.09 1.94
CA THR A 200 55.51 -0.29 1.06
C THR A 200 54.05 -0.73 1.16
N MET A 201 53.81 -2.02 1.36
CA MET A 201 52.44 -2.48 1.54
C MET A 201 51.80 -1.83 2.76
N ASN A 202 52.56 -1.69 3.85
CA ASN A 202 51.99 -1.09 5.05
C ASN A 202 51.59 0.35 4.80
N TYR A 203 52.44 1.12 4.10
CA TYR A 203 52.14 2.52 3.86
C TYR A 203 50.87 2.67 3.05
N ILE A 204 50.67 1.82 2.06
CA ILE A 204 49.45 1.90 1.25
C ILE A 204 48.24 1.60 2.13
N ALA A 205 48.36 0.67 3.06
CA ALA A 205 47.26 0.35 3.95
C ALA A 205 47.19 1.30 5.14
N LEU A 206 48.08 2.28 5.22
CA LEU A 206 48.00 3.30 6.25
C LEU A 206 47.24 4.54 5.77
N VAL A 207 47.68 5.13 4.65
CA VAL A 207 47.02 6.33 4.15
C VAL A 207 45.65 5.99 3.59
N VAL A 208 45.55 4.92 2.80
CA VAL A 208 44.30 4.56 2.14
C VAL A 208 43.52 3.63 3.05
N GLY A 209 44.22 2.93 3.94
CA GLY A 209 43.56 1.95 4.77
C GLY A 209 42.71 2.58 5.86
N CYS A 210 43.31 3.42 6.69
CA CYS A 210 42.57 4.02 7.78
C CYS A 210 42.64 5.54 7.81
N LEU A 211 43.79 6.13 7.49
CA LEU A 211 43.93 7.58 7.61
C LEU A 211 42.91 8.30 6.75
N LEU A 212 42.84 7.97 5.46
CA LEU A 212 41.92 8.66 4.57
C LEU A 212 40.46 8.41 4.93
N PRO A 213 40.00 7.17 5.15
CA PRO A 213 38.62 7.01 5.63
C PRO A 213 38.37 7.65 6.98
N PHE A 214 39.37 7.72 7.85
CA PHE A 214 39.17 8.41 9.13
C PHE A 214 38.83 9.87 8.92
N PHE A 215 39.55 10.54 8.04
CA PHE A 215 39.24 11.93 7.75
C PHE A 215 37.92 12.08 7.03
N THR A 216 37.32 10.99 6.56
CA THR A 216 35.98 11.08 6.00
C THR A 216 34.93 11.16 7.10
N LEU A 217 34.80 10.10 7.92
CA LEU A 217 33.73 10.11 8.90
C LEU A 217 33.96 11.12 10.01
N SER A 218 35.21 11.54 10.24
CA SER A 218 35.44 12.59 11.21
C SER A 218 34.77 13.88 10.78
N ILE A 219 35.05 14.33 9.56
CA ILE A 219 34.36 15.52 9.04
C ILE A 219 32.88 15.22 8.86
N CYS A 220 32.57 14.01 8.41
CA CYS A 220 31.18 13.62 8.19
C CYS A 220 30.36 13.74 9.47
N TYR A 221 30.77 13.02 10.50
CA TYR A 221 30.05 13.10 11.76
C TYR A 221 30.16 14.48 12.41
N LEU A 222 31.26 15.19 12.20
CA LEU A 222 31.34 16.53 12.77
C LEU A 222 30.27 17.43 12.18
N LEU A 223 30.08 17.37 10.87
CA LEU A 223 29.04 18.16 10.23
C LEU A 223 27.65 17.68 10.61
N ILE A 224 27.47 16.39 10.89
CA ILE A 224 26.20 15.96 11.46
C ILE A 224 25.98 16.59 12.83
N ILE A 225 27.02 16.58 13.66
CA ILE A 225 26.90 17.09 15.03
C ILE A 225 26.52 18.56 15.02
N ARG A 226 27.20 19.36 14.21
CA ARG A 226 26.93 20.79 14.26
C ARG A 226 25.46 21.09 13.99
N VAL A 227 24.79 20.24 13.20
CA VAL A 227 23.37 20.42 12.94
C VAL A 227 22.56 20.10 14.19
N LEU A 228 22.88 19.00 14.86
CA LEU A 228 22.11 18.59 16.03
C LEU A 228 22.18 19.61 17.16
N LEU A 229 23.23 20.43 17.18
CA LEU A 229 23.33 21.46 18.21
C LEU A 229 22.30 22.56 17.98
N LYS A 230 22.39 23.23 16.84
CA LYS A 230 21.44 24.28 16.51
C LYS A 230 20.47 23.83 15.43
N GLY A 237 13.16 19.65 18.09
CA GLY A 237 13.02 19.28 19.49
C GLY A 237 14.33 18.80 20.08
N LEU A 238 14.81 19.52 21.09
CA LEU A 238 16.11 19.22 21.68
C LEU A 238 16.18 17.86 22.36
N ARG A 239 15.43 17.70 23.44
CA ARG A 239 15.87 16.80 24.51
C ARG A 239 16.07 15.38 24.03
N VAL A 240 14.99 14.65 23.76
CA VAL A 240 15.13 13.21 23.57
C VAL A 240 15.94 12.92 22.33
N SER A 241 15.43 13.36 21.18
CA SER A 241 16.05 13.03 19.90
C SER A 241 17.49 13.51 19.85
N HIS A 242 17.70 14.79 20.12
CA HIS A 242 19.01 15.36 19.89
C HIS A 242 20.02 14.89 20.92
N ARG A 243 19.67 14.87 22.20
CA ARG A 243 20.61 14.37 23.19
C ARG A 243 21.01 12.93 22.88
N LYS A 244 20.02 12.07 22.61
CA LYS A 244 20.38 10.67 22.37
C LYS A 244 21.22 10.52 21.11
N ALA A 245 20.85 11.19 20.02
CA ALA A 245 21.61 11.05 18.79
C ALA A 245 23.01 11.60 18.95
N LEU A 246 23.15 12.73 19.64
CA LEU A 246 24.46 13.33 19.84
C LEU A 246 25.35 12.41 20.66
N THR A 247 24.81 11.84 21.74
CA THR A 247 25.60 10.91 22.52
C THR A 247 26.01 9.71 21.68
N THR A 248 25.09 9.19 20.86
CA THR A 248 25.44 8.04 20.03
C THR A 248 26.55 8.37 19.05
N ILE A 249 26.49 9.55 18.43
CA ILE A 249 27.55 9.94 17.50
C ILE A 249 28.88 10.06 18.22
N ILE A 250 28.88 10.68 19.40
CA ILE A 250 30.14 10.83 20.14
C ILE A 250 30.71 9.48 20.48
N ILE A 251 29.88 8.55 20.95
CA ILE A 251 30.38 7.24 21.31
C ILE A 251 30.93 6.52 20.08
N THR A 252 30.22 6.60 18.96
CA THR A 252 30.69 5.93 17.76
C THR A 252 32.05 6.48 17.33
N LEU A 253 32.18 7.80 17.31
CA LEU A 253 33.44 8.40 16.91
C LEU A 253 34.58 8.05 17.86
N ILE A 254 34.35 8.07 19.17
CA ILE A 254 35.41 7.72 20.11
C ILE A 254 35.81 6.26 19.99
N ILE A 255 34.84 5.36 19.85
CA ILE A 255 35.20 3.96 19.74
C ILE A 255 35.94 3.69 18.46
N PHE A 256 35.57 4.35 17.36
CA PHE A 256 36.36 4.18 16.14
C PHE A 256 37.78 4.69 16.33
N PHE A 257 37.93 5.88 16.93
CA PHE A 257 39.26 6.45 17.07
C PHE A 257 40.15 5.59 17.95
N LEU A 258 39.62 5.11 19.08
CA LEU A 258 40.49 4.44 20.05
C LEU A 258 40.84 3.03 19.62
N CYS A 259 40.09 2.46 18.68
CA CYS A 259 40.38 1.10 18.25
C CYS A 259 41.43 1.07 17.16
N PHE A 260 41.15 1.68 16.04
CA PHE A 260 42.09 1.61 14.95
C PHE A 260 43.26 2.52 14.86
N LEU A 261 43.11 3.78 15.13
CA LEU A 261 44.23 4.71 14.91
C LEU A 261 45.47 4.36 15.70
N PRO A 262 45.42 4.05 17.00
CA PRO A 262 46.64 3.61 17.67
C PRO A 262 47.20 2.32 17.09
N TYR A 263 46.33 1.41 16.63
CA TYR A 263 46.81 0.14 16.11
C TYR A 263 47.69 0.36 14.89
N HIS A 264 47.26 1.21 13.96
CA HIS A 264 48.01 1.36 12.73
C HIS A 264 49.33 2.09 12.95
N THR A 265 49.32 3.15 13.75
CA THR A 265 50.57 3.85 13.99
C THR A 265 51.56 2.97 14.75
N LEU A 266 51.08 2.20 15.72
CA LEU A 266 51.98 1.28 16.42
C LEU A 266 52.46 0.17 15.49
N ARG A 267 51.60 -0.31 14.60
CA ARG A 267 52.03 -1.29 13.62
C ARG A 267 53.15 -0.74 12.76
N THR A 268 52.88 0.45 12.33
CA THR A 268 53.75 1.05 11.47
C THR A 268 54.96 1.50 12.10
N VAL A 269 55.08 1.44 13.41
CA VAL A 269 56.34 1.82 13.94
C VAL A 269 57.11 0.61 14.29
N HIS A 270 56.44 -0.51 14.53
CA HIS A 270 57.11 -1.76 14.91
C HIS A 270 57.93 -2.09 13.77
N LEU A 271 57.23 -2.19 12.65
CA LEU A 271 57.72 -2.49 11.35
C LEU A 271 59.04 -1.93 11.12
N THR A 272 59.13 -0.64 11.13
CA THR A 272 60.39 -0.07 10.88
C THR A 272 61.28 -0.24 12.04
N THR A 273 60.89 0.30 13.14
CA THR A 273 61.90 0.32 14.19
C THR A 273 62.27 -1.09 14.64
N TRP A 274 61.27 -1.94 14.88
CA TRP A 274 61.54 -3.14 15.68
C TRP A 274 62.29 -4.20 14.89
N LYS A 275 61.68 -4.74 13.85
CA LYS A 275 62.24 -5.91 13.18
C LYS A 275 63.19 -5.54 12.04
N VAL A 276 63.47 -4.26 11.87
CA VAL A 276 64.58 -3.83 11.04
C VAL A 276 65.80 -3.43 11.86
N GLY A 277 65.59 -2.89 13.06
CA GLY A 277 66.68 -2.60 13.97
C GLY A 277 66.44 -3.24 15.33
N LEU A 278 66.38 -2.42 16.36
CA LEU A 278 66.07 -2.86 17.71
C LEU A 278 64.78 -2.19 18.17
N CYS A 279 64.28 -2.62 19.32
CA CYS A 279 63.04 -2.08 19.87
C CYS A 279 63.05 -2.24 21.37
N LYS A 280 61.96 -1.82 21.99
CA LYS A 280 61.74 -1.95 23.43
C LYS A 280 60.44 -2.70 23.68
N ASP A 281 60.47 -3.57 24.69
CA ASP A 281 59.32 -4.42 24.98
C ASP A 281 58.09 -3.65 25.41
N ARG A 282 58.25 -2.48 26.02
CA ARG A 282 57.10 -1.63 26.32
C ARG A 282 56.31 -1.34 25.04
N LEU A 283 57.03 -1.02 23.97
CA LEU A 283 56.38 -0.82 22.68
C LEU A 283 55.69 -2.10 22.22
N HIS A 284 56.31 -3.25 22.47
CA HIS A 284 55.67 -4.52 22.14
C HIS A 284 54.36 -4.69 22.89
N LYS A 285 54.36 -4.37 24.19
CA LYS A 285 53.14 -4.48 24.97
C LYS A 285 52.06 -3.55 24.44
N ALA A 286 52.44 -2.31 24.13
CA ALA A 286 51.46 -1.38 23.58
C ALA A 286 50.90 -1.90 22.27
N LEU A 287 51.77 -2.42 21.40
CA LEU A 287 51.32 -2.93 20.12
C LEU A 287 50.34 -4.07 20.29
N VAL A 288 50.66 -5.03 21.17
CA VAL A 288 49.81 -6.20 21.28
C VAL A 288 48.47 -5.85 21.90
N ILE A 289 48.47 -5.01 22.94
CA ILE A 289 47.18 -4.67 23.54
C ILE A 289 46.35 -3.84 22.58
N THR A 290 46.99 -2.94 21.84
CA THR A 290 46.25 -2.10 20.91
C THR A 290 45.69 -2.94 19.76
N LEU A 291 46.45 -3.93 19.30
CA LEU A 291 45.94 -4.85 18.29
C LEU A 291 44.75 -5.63 18.82
N ALA A 292 44.82 -6.04 20.08
CA ALA A 292 43.69 -6.74 20.69
C ALA A 292 42.45 -5.87 20.69
N LEU A 293 42.58 -4.59 21.03
CA LEU A 293 41.45 -3.68 20.92
C LEU A 293 40.98 -3.56 19.48
N ALA A 294 41.91 -3.53 18.53
CA ALA A 294 41.54 -3.38 17.13
C ALA A 294 40.69 -4.55 16.66
N ALA A 295 41.07 -5.76 17.04
CA ALA A 295 40.24 -6.93 16.72
C ALA A 295 38.88 -6.82 17.39
N ALA A 296 38.80 -6.13 18.53
CA ALA A 296 37.55 -6.05 19.26
C ALA A 296 36.51 -5.21 18.56
N ASN A 297 36.90 -4.45 17.54
CA ASN A 297 35.93 -3.59 16.85
C ASN A 297 34.84 -4.38 16.17
N ALA A 298 35.07 -5.66 15.89
CA ALA A 298 34.02 -6.49 15.30
C ALA A 298 32.92 -6.83 16.29
N CYS A 299 33.08 -6.48 17.57
CA CYS A 299 32.01 -6.58 18.54
C CYS A 299 31.35 -5.24 18.83
N PHE A 300 32.12 -4.16 18.85
CA PHE A 300 31.52 -2.84 19.10
C PHE A 300 30.66 -2.40 17.93
N ASN A 301 31.17 -2.52 16.70
CA ASN A 301 30.42 -2.08 15.53
C ASN A 301 29.04 -2.70 15.45
N PRO A 302 28.83 -4.00 15.70
CA PRO A 302 27.46 -4.51 15.79
C PRO A 302 26.67 -3.84 16.89
N LEU A 303 27.32 -3.47 18.00
CA LEU A 303 26.61 -2.81 19.09
C LEU A 303 26.30 -1.37 18.74
N LEU A 304 27.33 -0.58 18.42
CA LEU A 304 27.15 0.86 18.28
C LEU A 304 26.11 1.21 17.23
N TYR A 305 26.28 0.68 16.02
CA TYR A 305 25.54 1.22 14.89
C TYR A 305 24.06 0.82 14.92
N TYR A 306 23.76 -0.33 15.50
CA TYR A 306 22.40 -0.85 15.55
C TYR A 306 22.06 -1.50 16.89
N PHE A 307 22.36 -0.79 17.97
CA PHE A 307 21.71 -1.00 19.27
C PHE A 307 20.68 0.05 19.59
N ALA A 308 21.06 1.31 19.69
CA ALA A 308 20.14 2.35 20.12
C ALA A 308 19.19 2.78 19.03
N GLY A 309 19.38 2.33 17.81
CA GLY A 309 18.52 2.73 16.72
C GLY A 309 17.15 2.11 16.83
N GLU A 310 16.14 2.92 17.12
CA GLU A 310 14.78 2.42 17.10
C GLU A 310 14.43 1.87 15.72
N ASN A 311 15.02 2.43 14.67
CA ASN A 311 14.78 1.96 13.31
C ASN A 311 15.15 0.49 13.16
N PHE A 312 16.20 0.07 13.84
CA PHE A 312 16.60 -1.32 13.84
C PHE A 312 15.96 -2.08 15.01
N LYS A 313 16.11 -1.56 16.22
CA LYS A 313 15.59 -2.23 17.40
C LYS A 313 14.10 -2.49 17.33
N ASP A 314 13.40 -1.87 16.37
CA ASP A 314 11.99 -2.19 16.16
C ASP A 314 11.82 -3.45 15.33
N ARG A 315 12.80 -3.78 14.49
CA ARG A 315 12.68 -4.98 13.66
C ARG A 315 12.55 -6.21 14.55
N LEU A 316 13.33 -6.27 15.61
CA LEU A 316 13.24 -7.35 16.57
C LEU A 316 11.93 -7.26 17.35
N SER B 4 -38.81 18.60 11.25
CA SER B 4 -38.05 17.35 11.18
C SER B 4 -38.97 16.17 10.88
N ILE B 5 -40.22 16.46 10.54
CA ILE B 5 -41.14 15.40 10.13
C ILE B 5 -40.65 14.73 8.85
N ALA B 6 -40.18 15.53 7.89
CA ALA B 6 -39.99 15.08 6.52
C ALA B 6 -39.00 13.92 6.42
N GLN B 7 -38.44 13.63 7.63
CA GLN B 7 -37.39 12.59 7.81
C GLN B 7 -37.68 11.59 8.93
N ALA B 8 -38.07 12.01 10.13
CA ALA B 8 -38.40 10.98 11.15
C ALA B 8 -39.60 10.20 10.63
N ARG B 9 -40.40 10.85 9.81
CA ARG B 9 -41.51 10.11 9.16
C ARG B 9 -40.89 9.00 8.33
N LYS B 10 -39.93 9.34 7.47
CA LYS B 10 -39.23 8.35 6.62
C LYS B 10 -38.75 7.17 7.49
N LEU B 11 -37.99 7.44 8.55
CA LEU B 11 -37.44 6.33 9.35
C LEU B 11 -38.59 5.43 9.80
N VAL B 12 -39.73 6.00 10.17
CA VAL B 12 -40.81 5.16 10.75
C VAL B 12 -41.45 4.21 9.72
N GLU B 13 -41.90 4.66 8.52
CA GLU B 13 -42.51 3.57 7.76
C GLU B 13 -41.47 2.56 7.28
N GLN B 14 -40.19 2.95 7.28
CA GLN B 14 -39.14 1.97 7.05
C GLN B 14 -39.17 0.85 8.06
N LEU B 15 -39.54 1.14 9.31
CA LEU B 15 -39.60 0.12 10.34
C LEU B 15 -40.76 -0.86 10.14
N LYS B 16 -41.97 -0.38 9.82
CA LYS B 16 -43.03 -1.31 9.50
C LYS B 16 -42.77 -2.09 8.22
N MET B 17 -41.91 -1.57 7.34
CA MET B 17 -41.38 -2.40 6.26
C MET B 17 -40.57 -3.56 6.84
N GLU B 18 -39.77 -3.29 7.87
CA GLU B 18 -38.99 -4.31 8.54
C GLU B 18 -39.86 -5.28 9.31
N ALA B 19 -41.01 -4.83 9.81
CA ALA B 19 -41.80 -5.57 10.77
C ALA B 19 -42.50 -6.77 10.15
N ASN B 20 -43.12 -6.58 8.99
CA ASN B 20 -43.99 -7.59 8.40
C ASN B 20 -43.22 -8.57 7.53
N ILE B 21 -42.20 -9.21 8.08
CA ILE B 21 -41.41 -10.20 7.35
C ILE B 21 -41.44 -11.49 8.15
N ASP B 22 -42.09 -12.52 7.60
CA ASP B 22 -42.18 -13.80 8.30
C ASP B 22 -40.81 -14.46 8.35
N ARG B 23 -40.27 -14.56 9.56
CA ARG B 23 -38.90 -15.02 9.74
C ARG B 23 -38.90 -16.48 10.14
N ILE B 24 -38.01 -17.21 9.54
CA ILE B 24 -37.86 -18.61 9.86
C ILE B 24 -37.02 -18.72 11.12
N LYS B 25 -37.34 -19.70 11.95
CA LYS B 25 -36.52 -19.99 13.11
C LYS B 25 -35.13 -20.36 12.65
N VAL B 26 -34.12 -19.97 13.42
CA VAL B 26 -32.72 -20.11 13.04
C VAL B 26 -32.34 -21.53 12.64
N SER B 27 -33.06 -22.52 13.16
CA SER B 27 -32.76 -23.89 12.78
C SER B 27 -32.93 -24.11 11.28
N LYS B 28 -33.77 -23.32 10.62
CA LYS B 28 -33.92 -23.38 9.17
C LYS B 28 -32.84 -22.57 8.45
N ALA B 29 -31.94 -21.94 9.19
CA ALA B 29 -30.68 -21.48 8.65
C ALA B 29 -29.52 -22.39 9.00
N ALA B 30 -29.67 -23.19 10.06
CA ALA B 30 -28.69 -24.23 10.36
C ALA B 30 -28.51 -25.16 9.18
N ALA B 31 -29.61 -25.74 8.70
CA ALA B 31 -29.53 -26.61 7.54
C ALA B 31 -28.87 -25.88 6.38
N ASP B 32 -29.35 -24.68 6.05
CA ASP B 32 -28.81 -23.92 4.94
C ASP B 32 -27.30 -23.80 5.05
N LEU B 33 -26.82 -23.09 6.07
CA LEU B 33 -25.41 -22.74 6.12
C LEU B 33 -24.53 -23.97 6.31
N MET B 34 -24.87 -24.82 7.29
CA MET B 34 -24.00 -25.93 7.62
C MET B 34 -23.97 -26.96 6.50
N ALA B 35 -25.14 -27.32 5.96
CA ALA B 35 -25.19 -28.24 4.84
C ALA B 35 -24.49 -27.67 3.62
N TYR B 36 -24.59 -26.36 3.40
CA TYR B 36 -23.84 -25.76 2.30
C TYR B 36 -22.36 -25.96 2.50
N CYS B 37 -21.83 -25.58 3.65
CA CYS B 37 -20.40 -25.73 3.88
C CYS B 37 -19.97 -27.17 3.72
N GLU B 38 -20.79 -28.11 4.17
CA GLU B 38 -20.49 -29.50 3.88
C GLU B 38 -20.44 -29.76 2.38
N ALA B 39 -21.34 -29.15 1.63
CA ALA B 39 -21.44 -29.44 0.20
C ALA B 39 -20.16 -29.10 -0.54
N HIS B 40 -19.52 -27.99 -0.20
CA HIS B 40 -18.38 -27.48 -0.96
C HIS B 40 -17.09 -27.65 -0.17
N ALA B 41 -17.15 -28.54 0.82
CA ALA B 41 -16.01 -28.77 1.69
C ALA B 41 -14.84 -29.46 1.02
N LYS B 42 -15.11 -30.47 0.20
CA LYS B 42 -14.02 -31.22 -0.44
C LYS B 42 -13.32 -30.36 -1.48
N GLU B 43 -14.07 -29.50 -2.16
CA GLU B 43 -13.56 -28.73 -3.28
C GLU B 43 -12.73 -27.55 -2.85
N ASP B 44 -13.10 -26.90 -1.75
CA ASP B 44 -12.46 -25.66 -1.33
C ASP B 44 -10.98 -25.90 -1.06
N PRO B 45 -10.08 -25.35 -1.89
CA PRO B 45 -8.68 -25.73 -1.81
C PRO B 45 -7.86 -24.94 -0.80
N LEU B 46 -8.49 -24.15 0.06
CA LEU B 46 -7.82 -23.60 1.22
C LEU B 46 -8.08 -24.40 2.48
N LEU B 47 -9.00 -25.36 2.44
CA LEU B 47 -9.20 -26.29 3.54
C LEU B 47 -8.52 -27.62 3.31
N THR B 48 -8.67 -28.17 2.10
CA THR B 48 -8.03 -29.42 1.73
C THR B 48 -6.82 -29.05 0.88
N PRO B 49 -5.62 -29.23 1.41
CA PRO B 49 -4.41 -28.88 0.66
C PRO B 49 -4.39 -29.46 -0.76
N VAL B 50 -3.79 -28.69 -1.67
CA VAL B 50 -3.74 -29.07 -3.08
C VAL B 50 -2.31 -29.18 -3.56
N ALA B 52 -1.64 -29.59 -2.90
CA ALA B 52 -0.18 -29.48 -2.91
C ALA B 52 0.37 -29.69 -4.31
N SER B 53 -0.20 -30.49 -5.12
CA SER B 53 0.31 -30.77 -6.45
C SER B 53 -0.58 -30.15 -7.53
N GLU B 54 -1.89 -30.23 -7.36
CA GLU B 54 -2.81 -29.84 -8.42
C GLU B 54 -2.88 -28.34 -8.65
N ASN B 55 -2.29 -27.54 -7.77
CA ASN B 55 -2.52 -26.10 -7.86
C ASN B 55 -1.37 -25.38 -8.57
N PRO B 56 -1.67 -24.23 -9.17
CA PRO B 56 -0.64 -23.44 -9.86
C PRO B 56 0.09 -22.42 -9.00
N PHE B 57 0.07 -22.55 -7.68
CA PHE B 57 0.93 -21.74 -6.83
C PHE B 57 1.96 -22.56 -6.09
N ARG B 58 2.62 -23.49 -6.76
CA ARG B 58 3.67 -24.26 -6.13
C ARG B 58 5.02 -23.68 -6.54
N GLU B 59 6.04 -24.02 -5.75
CA GLU B 59 7.39 -23.51 -5.95
C GLU B 59 7.43 -21.98 -5.97
N VAL C 2 -5.35 1.99 -36.14
CA VAL C 2 -4.76 0.79 -36.71
C VAL C 2 -4.74 0.81 -38.23
N GLN C 3 -3.83 1.61 -38.80
CA GLN C 3 -3.46 1.48 -40.21
C GLN C 3 -1.94 1.40 -40.25
N LEU C 4 -1.42 0.37 -40.91
CA LEU C 4 0.00 0.07 -40.92
C LEU C 4 0.50 0.25 -42.33
N VAL C 5 1.19 1.36 -42.59
CA VAL C 5 1.63 1.71 -43.94
C VAL C 5 3.14 1.85 -43.96
N GLU C 6 3.76 1.13 -44.89
CA GLU C 6 5.22 1.10 -44.97
C GLU C 6 5.62 1.91 -46.21
N SER C 7 6.91 1.90 -46.51
CA SER C 7 7.46 2.64 -47.64
C SER C 7 8.55 1.79 -48.25
N GLY C 8 9.22 2.34 -49.26
CA GLY C 8 10.24 1.60 -49.96
C GLY C 8 9.61 0.55 -50.86
N GLY C 9 10.40 -0.48 -51.13
CA GLY C 9 9.93 -1.56 -51.99
C GLY C 9 9.98 -1.18 -53.45
N GLY C 10 10.36 -2.13 -54.30
CA GLY C 10 10.43 -1.91 -55.73
C GLY C 10 11.48 -2.76 -56.41
N LEU C 11 12.08 -2.24 -57.48
CA LEU C 11 13.16 -2.94 -58.14
C LEU C 11 14.43 -2.88 -57.28
N VAL C 12 14.91 -4.04 -56.84
CA VAL C 12 16.09 -4.09 -55.98
C VAL C 12 17.16 -4.95 -56.64
N GLN C 13 18.35 -4.39 -56.77
CA GLN C 13 19.50 -5.12 -57.28
C GLN C 13 19.97 -6.14 -56.25
N PRO C 14 20.64 -7.20 -56.68
CA PRO C 14 21.17 -8.17 -55.70
C PRO C 14 22.28 -7.59 -54.85
N GLY C 15 22.61 -6.31 -55.04
CA GLY C 15 23.63 -5.66 -54.25
C GLY C 15 23.31 -4.22 -53.88
N GLY C 16 22.04 -3.83 -54.04
CA GLY C 16 21.62 -2.47 -53.75
C GLY C 16 21.01 -2.35 -52.37
N SER C 17 21.51 -1.39 -51.60
CA SER C 17 21.00 -1.16 -50.26
C SER C 17 19.61 -0.55 -50.31
N ARG C 18 18.64 -1.18 -49.64
CA ARG C 18 17.25 -0.74 -49.62
C ARG C 18 16.86 -0.44 -48.18
N LYS C 19 16.11 0.63 -47.98
CA LYS C 19 15.64 1.04 -46.65
C LYS C 19 14.14 0.81 -46.53
N LEU C 20 13.76 -0.42 -46.18
CA LEU C 20 12.34 -0.74 -46.07
C LEU C 20 11.81 -0.26 -44.74
N SER C 21 11.55 1.04 -44.62
CA SER C 21 11.01 1.56 -43.38
C SER C 21 9.53 1.23 -43.27
N CYS C 22 9.03 1.32 -42.05
CA CYS C 22 7.61 1.18 -41.78
C CYS C 22 7.07 2.52 -41.28
N SER C 23 5.76 2.56 -41.08
CA SER C 23 5.11 3.69 -40.44
C SER C 23 3.75 3.24 -39.93
N ALA C 24 3.47 3.56 -38.68
CA ALA C 24 2.25 3.08 -38.05
C ALA C 24 1.73 4.12 -37.07
N SER C 25 0.64 4.82 -37.43
CA SER C 25 0.17 5.93 -36.63
C SER C 25 -1.26 5.71 -36.15
N GLY C 26 -1.55 4.53 -35.63
CA GLY C 26 -2.91 4.24 -35.23
C GLY C 26 -3.04 3.54 -33.89
N PHE C 27 -1.96 3.38 -33.15
CA PHE C 27 -2.06 2.51 -31.99
C PHE C 27 -0.95 2.82 -31.00
N ALA C 28 -1.01 2.16 -29.83
CA ALA C 28 0.01 2.34 -28.79
C ALA C 28 1.30 1.66 -29.19
N PHE C 29 2.04 2.27 -30.11
CA PHE C 29 3.15 1.58 -30.75
C PHE C 29 4.19 1.12 -29.75
N SER C 30 4.52 1.99 -28.78
CA SER C 30 5.60 1.69 -27.85
C SER C 30 5.07 0.85 -26.70
N SER C 31 4.26 -0.14 -27.06
CA SER C 31 3.79 -1.06 -26.04
C SER C 31 3.83 -2.48 -26.58
N PHE C 32 3.99 -2.63 -27.89
CA PHE C 32 3.70 -3.87 -28.60
C PHE C 32 4.97 -4.55 -29.08
N GLY C 33 4.98 -5.88 -28.98
CA GLY C 33 5.91 -6.71 -29.72
C GLY C 33 5.60 -6.59 -31.20
N MET C 34 6.62 -6.78 -32.03
CA MET C 34 6.52 -6.31 -33.41
C MET C 34 7.37 -7.21 -34.32
N HIS C 35 6.72 -8.14 -35.03
CA HIS C 35 7.40 -9.09 -35.90
C HIS C 35 7.49 -8.53 -37.32
N TRP C 36 7.91 -9.37 -38.27
CA TRP C 36 7.74 -9.15 -39.70
C TRP C 36 7.48 -10.50 -40.36
N VAL C 37 6.62 -10.51 -41.37
CA VAL C 37 6.30 -11.76 -42.05
C VAL C 37 6.23 -11.52 -43.55
N ARG C 38 6.73 -12.47 -44.34
CA ARG C 38 6.69 -12.39 -45.79
C ARG C 38 6.10 -13.64 -46.43
N GLN C 39 5.44 -13.41 -47.57
CA GLN C 39 4.84 -14.46 -48.38
C GLN C 39 5.57 -14.57 -49.71
N ALA C 40 6.18 -15.72 -49.99
CA ALA C 40 6.69 -15.98 -51.32
C ALA C 40 5.51 -15.99 -52.28
N PRO C 41 5.60 -15.27 -53.42
CA PRO C 41 4.39 -14.82 -54.12
C PRO C 41 3.34 -15.90 -54.35
N GLU C 42 3.65 -16.94 -55.11
CA GLU C 42 2.70 -18.04 -55.23
C GLU C 42 3.09 -19.19 -54.31
N LYS C 43 3.29 -18.91 -53.03
CA LYS C 43 3.71 -19.94 -52.07
C LYS C 43 3.16 -19.57 -50.69
N GLY C 44 3.65 -20.25 -49.67
CA GLY C 44 3.35 -19.92 -48.30
C GLY C 44 4.08 -18.67 -47.85
N LEU C 45 3.86 -18.32 -46.59
CA LEU C 45 4.42 -17.09 -46.05
C LEU C 45 5.35 -17.37 -44.87
N GLU C 46 6.29 -16.46 -44.65
CA GLU C 46 7.52 -16.72 -43.92
C GLU C 46 7.60 -15.84 -42.68
N TRP C 47 8.37 -16.30 -41.69
CA TRP C 47 8.74 -15.48 -40.55
C TRP C 47 9.99 -14.69 -40.87
N VAL C 48 10.08 -13.47 -40.34
CA VAL C 48 11.20 -12.57 -40.57
C VAL C 48 11.53 -11.97 -39.21
N ALA C 49 12.37 -10.94 -39.18
CA ALA C 49 12.84 -10.30 -37.96
C ALA C 49 11.74 -9.96 -36.96
N TYR C 50 12.13 -9.85 -35.69
CA TYR C 50 11.22 -9.54 -34.59
C TYR C 50 11.89 -8.51 -33.68
N ILE C 51 11.08 -7.79 -32.92
CA ILE C 51 11.57 -6.85 -31.92
C ILE C 51 10.51 -6.75 -30.84
N SER C 52 10.91 -6.82 -29.58
CA SER C 52 9.91 -6.81 -28.53
C SER C 52 9.66 -5.38 -28.05
N SER C 53 8.73 -5.25 -27.12
CA SER C 53 8.38 -3.93 -26.59
C SER C 53 9.52 -3.35 -25.77
N GLY C 54 10.05 -2.21 -26.20
CA GLY C 54 11.20 -1.68 -25.49
C GLY C 54 12.42 -2.54 -25.74
N SER C 55 13.01 -2.42 -26.92
CA SER C 55 13.80 -3.48 -27.54
C SER C 55 14.77 -4.16 -26.58
N GLY C 56 14.44 -5.39 -26.18
CA GLY C 56 15.33 -6.15 -25.33
C GLY C 56 15.57 -7.56 -25.84
N THR C 57 14.59 -8.09 -26.57
CA THR C 57 14.66 -9.43 -27.12
C THR C 57 14.49 -9.30 -28.62
N ILE C 58 15.55 -9.57 -29.37
CA ILE C 58 15.47 -9.44 -30.82
C ILE C 58 15.87 -10.75 -31.46
N TYR C 59 14.91 -11.64 -31.63
CA TYR C 59 15.20 -12.89 -32.30
C TYR C 59 15.22 -12.66 -33.81
N TYR C 60 15.56 -13.68 -34.56
CA TYR C 60 15.67 -13.54 -36.00
C TYR C 60 15.37 -14.86 -36.68
N ALA C 61 15.18 -14.77 -37.99
CA ALA C 61 15.00 -15.92 -38.85
C ALA C 61 16.35 -16.63 -39.03
N ASP C 62 16.39 -17.58 -39.94
CA ASP C 62 17.64 -18.23 -40.32
C ASP C 62 18.00 -17.94 -41.77
N THR C 63 17.57 -16.79 -42.28
CA THR C 63 17.90 -16.33 -43.61
C THR C 63 18.24 -14.84 -43.56
N VAL C 64 17.93 -14.23 -42.43
CA VAL C 64 18.16 -12.80 -42.21
C VAL C 64 19.10 -12.66 -41.02
N LYS C 65 19.47 -13.78 -40.41
CA LYS C 65 20.05 -13.75 -39.08
C LYS C 65 21.43 -13.10 -39.18
N GLY C 66 21.46 -11.81 -38.87
CA GLY C 66 22.67 -11.03 -38.96
C GLY C 66 22.79 -10.41 -40.33
N ARG C 67 21.64 -10.09 -40.94
CA ARG C 67 21.68 -9.62 -42.31
C ARG C 67 21.21 -8.18 -42.48
N PHE C 68 19.98 -7.87 -42.08
CA PHE C 68 19.52 -6.50 -42.23
C PHE C 68 18.64 -5.93 -41.11
N THR C 69 18.88 -6.32 -39.85
CA THR C 69 18.79 -5.44 -38.68
C THR C 69 17.46 -4.71 -38.46
N ILE C 70 16.43 -5.44 -38.02
CA ILE C 70 15.16 -4.83 -37.58
C ILE C 70 15.44 -3.78 -36.51
N SER C 71 14.87 -2.59 -36.67
CA SER C 71 15.08 -1.51 -35.72
C SER C 71 13.78 -0.81 -35.34
N ARG C 72 13.86 0.26 -34.56
CA ARG C 72 12.69 0.87 -33.94
C ARG C 72 12.92 2.35 -33.77
N ASP C 73 11.82 3.11 -33.78
CA ASP C 73 11.84 4.51 -33.36
C ASP C 73 10.48 4.91 -32.83
N ASP C 74 10.26 4.77 -31.53
CA ASP C 74 8.95 5.01 -30.94
C ASP C 74 8.46 6.45 -31.15
N PRO C 75 9.27 7.48 -30.89
CA PRO C 75 8.77 8.85 -31.05
C PRO C 75 8.28 9.19 -32.45
N LYS C 76 8.74 8.46 -33.46
CA LYS C 76 8.20 8.59 -34.80
C LYS C 76 7.25 7.46 -35.16
N ASN C 77 7.14 6.44 -34.33
CA ASN C 77 6.23 5.31 -34.54
C ASN C 77 6.49 4.63 -35.89
N THR C 78 7.74 4.18 -36.05
CA THR C 78 8.17 3.50 -37.27
C THR C 78 9.09 2.35 -36.93
N LEU C 79 9.04 1.31 -37.77
CA LEU C 79 10.01 0.22 -37.73
C LEU C 79 11.05 0.39 -38.83
N PHE C 80 12.10 1.16 -38.57
CA PHE C 80 13.13 1.40 -39.57
C PHE C 80 13.82 0.09 -39.96
N LEU C 81 14.11 -0.06 -41.25
CA LEU C 81 14.90 -1.19 -41.75
C LEU C 81 15.93 -0.74 -42.76
N GLN C 82 16.96 -1.56 -42.92
CA GLN C 82 17.84 -1.56 -44.09
C GLN C 82 17.80 -2.96 -44.70
N MET C 83 18.36 -3.08 -45.91
CA MET C 83 18.81 -4.35 -46.49
C MET C 83 19.51 -4.08 -47.81
N THR C 84 20.46 -4.94 -48.14
CA THR C 84 21.28 -4.70 -49.33
C THR C 84 21.31 -5.82 -50.35
N SER C 85 21.52 -7.09 -49.97
CA SER C 85 21.82 -8.08 -50.99
C SER C 85 20.62 -8.90 -51.45
N LEU C 86 19.95 -9.63 -50.55
CA LEU C 86 18.68 -10.27 -50.89
C LEU C 86 18.78 -11.23 -52.06
N ARG C 87 19.32 -12.44 -51.84
CA ARG C 87 19.95 -13.19 -52.93
C ARG C 87 18.87 -13.69 -53.89
N SER C 88 18.10 -12.74 -54.43
CA SER C 88 17.24 -12.98 -55.58
C SER C 88 16.17 -14.04 -55.33
N GLU C 89 16.11 -14.60 -54.12
CA GLU C 89 15.13 -15.66 -53.84
C GLU C 89 14.32 -15.36 -52.59
N ASP C 90 14.78 -14.44 -51.74
CA ASP C 90 13.95 -13.97 -50.65
C ASP C 90 12.99 -12.88 -51.08
N THR C 91 13.04 -12.51 -52.36
CA THR C 91 12.17 -11.50 -52.94
C THR C 91 10.71 -11.83 -52.72
N ALA C 92 10.00 -10.99 -51.97
CA ALA C 92 8.61 -11.26 -51.63
C ALA C 92 7.94 -9.96 -51.21
N MET C 93 6.67 -10.08 -50.84
CA MET C 93 5.91 -8.93 -50.36
C MET C 93 5.86 -8.94 -48.85
N TYR C 94 6.13 -7.79 -48.24
CA TYR C 94 6.32 -7.76 -46.80
C TYR C 94 5.02 -7.39 -46.08
N TYR C 95 5.08 -7.42 -44.75
CA TYR C 95 3.95 -7.16 -43.88
C TYR C 95 4.49 -6.52 -42.60
N CYS C 96 3.59 -5.95 -41.80
CA CYS C 96 3.96 -5.39 -40.49
C CYS C 96 2.96 -5.88 -39.47
N VAL C 97 3.42 -6.57 -38.44
CA VAL C 97 2.56 -7.22 -37.47
C VAL C 97 2.96 -6.82 -36.06
N ARG C 98 1.97 -6.61 -35.19
CA ARG C 98 2.19 -6.41 -33.77
C ARG C 98 1.77 -7.65 -33.01
N SER C 99 2.23 -7.77 -31.76
CA SER C 99 1.77 -8.86 -30.92
C SER C 99 2.09 -8.51 -29.47
N ILE C 100 1.05 -8.33 -28.68
CA ILE C 100 1.24 -7.94 -27.30
C ILE C 100 1.27 -9.20 -26.45
N TYR C 101 2.19 -9.25 -25.50
CA TYR C 101 2.45 -10.48 -24.78
C TYR C 101 2.27 -10.22 -23.30
N TYR C 102 1.04 -10.30 -22.81
CA TYR C 102 0.83 -10.39 -21.37
C TYR C 102 -0.03 -11.60 -21.15
N TYR C 103 -0.30 -11.92 -19.89
CA TYR C 103 -1.22 -13.01 -19.66
C TYR C 103 -2.54 -12.69 -20.33
N GLY C 104 -3.10 -13.63 -21.05
CA GLY C 104 -4.37 -13.46 -21.69
C GLY C 104 -4.35 -12.62 -22.95
N SER C 105 -3.21 -12.02 -23.28
CA SER C 105 -3.16 -11.23 -24.49
C SER C 105 -3.26 -12.16 -25.71
N SER C 106 -3.64 -11.56 -26.84
CA SER C 106 -3.71 -12.27 -28.10
C SER C 106 -2.65 -11.71 -29.04
N PRO C 107 -1.65 -12.49 -29.42
CA PRO C 107 -0.63 -11.99 -30.35
C PRO C 107 -1.07 -12.12 -31.80
N PHE C 108 -0.48 -11.25 -32.64
CA PHE C 108 -0.70 -11.24 -34.08
C PHE C 108 -2.15 -10.93 -34.43
N ASP C 109 -2.69 -9.89 -33.80
CA ASP C 109 -4.10 -9.56 -33.96
C ASP C 109 -4.36 -8.75 -35.21
N PHE C 110 -3.35 -8.12 -35.76
CA PHE C 110 -3.58 -7.14 -36.80
C PHE C 110 -2.34 -7.11 -37.66
N TRP C 111 -2.51 -7.21 -38.98
CA TRP C 111 -1.32 -7.24 -39.83
C TRP C 111 -1.46 -6.10 -40.82
N GLY C 112 -0.37 -5.75 -41.50
CA GLY C 112 -0.40 -4.66 -42.44
C GLY C 112 -0.39 -5.04 -43.92
N GLN C 113 0.26 -4.21 -44.75
CA GLN C 113 0.22 -4.37 -46.19
C GLN C 113 1.61 -4.71 -46.71
N GLY C 114 2.63 -3.92 -46.38
CA GLY C 114 4.00 -4.33 -46.62
C GLY C 114 4.51 -4.35 -48.06
N THR C 115 4.88 -3.21 -48.63
CA THR C 115 5.29 -3.07 -50.03
C THR C 115 6.20 -4.21 -50.50
N THR C 116 6.16 -4.51 -51.80
CA THR C 116 6.51 -5.82 -52.35
C THR C 116 7.75 -5.84 -53.25
N LEU C 117 8.84 -5.22 -52.80
CA LEU C 117 10.09 -5.11 -53.55
C LEU C 117 10.50 -6.35 -54.34
N THR C 118 11.02 -6.14 -55.55
CA THR C 118 11.30 -7.20 -56.51
C THR C 118 12.75 -7.12 -56.97
N VAL C 119 13.34 -8.27 -57.29
CA VAL C 119 14.77 -8.35 -57.60
C VAL C 119 14.96 -8.35 -59.11
N SER C 120 16.02 -7.70 -59.57
CA SER C 120 16.39 -7.72 -60.98
C SER C 120 17.47 -8.76 -61.23
N SER C 121 17.06 -9.97 -61.60
CA SER C 121 18.00 -11.06 -61.84
C SER C 121 18.04 -11.43 -63.31
N SER C 135 19.51 -25.96 -38.65
CA SER C 135 18.08 -25.73 -38.86
C SER C 135 17.25 -26.88 -38.30
N SER C 136 17.12 -26.91 -36.97
CA SER C 136 16.30 -27.91 -36.29
C SER C 136 14.96 -27.28 -35.95
N ASP C 137 14.44 -26.48 -36.87
CA ASP C 137 13.25 -25.68 -36.66
C ASP C 137 12.01 -26.56 -36.77
N ILE C 138 10.84 -25.95 -36.89
CA ILE C 138 9.58 -26.67 -37.01
C ILE C 138 8.99 -26.34 -38.37
N VAL C 139 8.10 -27.18 -38.85
CA VAL C 139 7.35 -26.88 -40.06
C VAL C 139 5.88 -27.21 -39.84
N MET C 140 5.01 -26.44 -40.47
CA MET C 140 3.57 -26.59 -40.38
C MET C 140 3.14 -27.50 -41.52
N THR C 141 3.00 -28.79 -41.22
CA THR C 141 2.55 -29.75 -42.23
C THR C 141 1.04 -29.67 -42.39
N GLN C 142 0.59 -29.55 -43.63
CA GLN C 142 -0.81 -29.27 -43.94
C GLN C 142 -1.42 -30.40 -44.76
N ALA C 143 -2.75 -30.36 -44.86
CA ALA C 143 -3.51 -31.32 -45.65
C ALA C 143 -3.72 -30.81 -47.08
N THR C 144 -4.60 -31.47 -47.83
CA THR C 144 -4.82 -31.09 -49.22
C THR C 144 -5.27 -29.64 -49.32
N SER C 145 -4.61 -28.89 -50.19
CA SER C 145 -4.63 -27.44 -50.16
C SER C 145 -5.83 -26.81 -50.84
N SER C 146 -6.58 -27.53 -51.68
CA SER C 146 -7.67 -26.90 -52.42
C SER C 146 -9.00 -27.03 -51.69
N VAL C 147 -9.51 -28.24 -51.48
CA VAL C 147 -10.79 -28.50 -50.83
C VAL C 147 -11.82 -27.46 -51.30
N PRO C 148 -12.21 -27.46 -52.56
CA PRO C 148 -13.19 -26.47 -53.02
C PRO C 148 -14.59 -26.81 -52.51
N VAL C 149 -15.15 -25.88 -51.73
CA VAL C 149 -16.44 -26.12 -51.09
C VAL C 149 -17.34 -24.90 -51.24
N THR C 150 -18.63 -25.15 -51.47
CA THR C 150 -19.67 -24.15 -51.58
C THR C 150 -20.30 -23.87 -50.21
N PRO C 151 -20.96 -22.72 -50.06
CA PRO C 151 -21.45 -22.31 -48.73
C PRO C 151 -22.38 -23.34 -48.11
N GLY C 152 -22.37 -23.39 -46.78
CA GLY C 152 -23.29 -24.21 -45.99
C GLY C 152 -22.64 -25.40 -45.32
N GLU C 153 -21.43 -25.77 -45.74
CA GLU C 153 -20.79 -26.97 -45.21
C GLU C 153 -19.79 -26.63 -44.10
N SER C 154 -19.47 -27.65 -43.31
CA SER C 154 -18.57 -27.52 -42.17
C SER C 154 -17.18 -27.97 -42.59
N VAL C 155 -16.37 -27.04 -43.08
CA VAL C 155 -14.97 -27.29 -43.40
C VAL C 155 -14.21 -27.56 -42.12
N SER C 156 -13.24 -28.47 -42.17
CA SER C 156 -12.41 -28.74 -41.01
C SER C 156 -10.94 -28.83 -41.43
N ILE C 157 -10.49 -27.89 -42.25
CA ILE C 157 -9.13 -27.94 -42.76
C ILE C 157 -8.13 -27.96 -41.61
N SER C 158 -7.07 -28.74 -41.76
CA SER C 158 -6.21 -29.08 -40.63
C SER C 158 -4.78 -28.74 -40.99
N CYS C 159 -3.88 -29.01 -40.04
CA CYS C 159 -2.44 -28.85 -40.18
C CYS C 159 -1.78 -29.55 -39.00
N ARG C 160 -0.59 -30.09 -39.21
CA ARG C 160 0.13 -30.77 -38.15
C ARG C 160 1.49 -30.12 -37.92
N SER C 161 2.03 -30.30 -36.72
CA SER C 161 3.27 -29.66 -36.29
C SER C 161 4.37 -30.70 -36.13
N SER C 162 5.60 -30.32 -36.47
CA SER C 162 6.74 -31.18 -36.24
C SER C 162 6.91 -31.44 -34.76
N LYS C 163 6.82 -30.37 -33.97
CA LYS C 163 7.07 -30.44 -32.54
C LYS C 163 5.75 -30.43 -31.78
N SER C 164 5.75 -31.01 -30.59
CA SER C 164 4.56 -31.00 -29.77
C SER C 164 4.32 -29.60 -29.22
N LEU C 165 3.19 -28.99 -29.60
CA LEU C 165 2.87 -27.63 -29.20
C LEU C 165 1.96 -27.69 -27.98
N LEU C 166 2.55 -27.98 -26.83
CA LEU C 166 1.85 -27.85 -25.56
C LEU C 166 2.92 -27.66 -24.49
N HIS C 167 3.13 -26.41 -24.08
CA HIS C 167 4.16 -26.11 -23.11
C HIS C 167 3.62 -26.39 -21.71
N SER C 168 4.51 -26.34 -20.71
CA SER C 168 4.07 -26.62 -19.34
C SER C 168 3.08 -25.58 -18.84
N ASN C 169 2.92 -24.46 -19.55
CA ASN C 169 1.90 -23.47 -19.24
C ASN C 169 0.54 -24.13 -19.13
N GLY C 170 0.19 -24.95 -20.13
CA GLY C 170 -1.08 -25.64 -20.16
C GLY C 170 -1.85 -25.31 -21.41
N ASN C 171 -1.24 -24.52 -22.28
CA ASN C 171 -1.93 -23.98 -23.45
C ASN C 171 -1.23 -24.41 -24.72
N THR C 172 -2.01 -24.63 -25.77
CA THR C 172 -1.49 -25.08 -27.05
C THR C 172 -1.26 -23.89 -27.96
N TYR C 173 -0.04 -23.77 -28.49
CA TYR C 173 0.35 -22.57 -29.22
C TYR C 173 0.12 -22.80 -30.70
N LEU C 174 -1.02 -22.31 -31.20
CA LEU C 174 -1.26 -22.31 -32.63
C LEU C 174 -2.11 -21.09 -32.97
N TYR C 175 -1.72 -20.35 -34.00
CA TYR C 175 -2.54 -19.25 -34.50
C TYR C 175 -3.17 -19.67 -35.83
N TRP C 176 -3.93 -18.76 -36.45
CA TRP C 176 -4.79 -19.15 -37.55
C TRP C 176 -5.20 -17.92 -38.34
N PHE C 177 -5.01 -17.97 -39.66
CA PHE C 177 -5.18 -16.79 -40.50
C PHE C 177 -5.93 -17.14 -41.78
N LEU C 178 -6.28 -16.13 -42.54
CA LEU C 178 -6.68 -16.24 -43.95
C LEU C 178 -5.69 -15.54 -44.87
N GLN C 179 -6.10 -15.45 -46.13
CA GLN C 179 -5.56 -14.51 -47.10
C GLN C 179 -6.67 -14.26 -48.11
N ARG C 180 -6.64 -13.11 -48.76
CA ARG C 180 -7.72 -12.85 -49.71
C ARG C 180 -7.16 -12.43 -51.06
N PRO C 181 -7.94 -12.50 -52.13
CA PRO C 181 -7.45 -11.97 -53.40
C PRO C 181 -7.41 -10.46 -53.34
N GLY C 182 -6.36 -9.91 -52.73
CA GLY C 182 -6.40 -8.51 -52.35
C GLY C 182 -5.87 -8.26 -50.96
N GLN C 183 -6.74 -7.83 -50.07
CA GLN C 183 -6.35 -7.27 -48.78
C GLN C 183 -5.53 -8.30 -47.99
N SER C 184 -4.92 -7.80 -46.92
CA SER C 184 -3.96 -8.49 -46.07
C SER C 184 -4.52 -9.73 -45.39
N PRO C 185 -3.68 -10.57 -44.81
CA PRO C 185 -4.16 -11.66 -43.95
C PRO C 185 -4.60 -11.12 -42.60
N GLN C 186 -5.10 -12.03 -41.77
CA GLN C 186 -5.87 -11.63 -40.61
C GLN C 186 -6.04 -12.82 -39.69
N LEU C 187 -6.10 -12.56 -38.39
CA LEU C 187 -6.14 -13.62 -37.39
C LEU C 187 -7.56 -14.11 -37.20
N LEU C 188 -7.72 -15.43 -37.19
CA LEU C 188 -9.00 -16.02 -36.82
C LEU C 188 -9.06 -16.34 -35.33
N ILE C 189 -8.19 -17.21 -34.88
CA ILE C 189 -8.16 -17.61 -33.48
C ILE C 189 -6.73 -17.53 -33.01
N TYR C 190 -6.53 -17.33 -31.72
CA TYR C 190 -5.19 -17.22 -31.18
C TYR C 190 -4.98 -18.25 -30.08
N ARG C 191 -3.77 -18.79 -30.03
CA ARG C 191 -3.47 -19.95 -29.20
C ARG C 191 -4.56 -20.99 -29.34
N MET C 192 -5.00 -21.21 -30.59
CA MET C 192 -5.74 -22.37 -31.11
C MET C 192 -7.14 -22.56 -30.53
N SER C 193 -7.57 -21.72 -29.60
CA SER C 193 -8.90 -21.96 -29.03
C SER C 193 -9.75 -20.69 -29.04
N ASN C 194 -9.10 -19.54 -29.02
CA ASN C 194 -9.80 -18.31 -28.69
C ASN C 194 -9.94 -17.41 -29.90
N LEU C 195 -11.17 -16.95 -30.14
CA LEU C 195 -11.46 -16.14 -31.31
C LEU C 195 -10.73 -14.79 -31.22
N ALA C 196 -10.71 -14.08 -32.32
CA ALA C 196 -10.09 -12.76 -32.38
C ALA C 196 -11.13 -11.71 -32.02
N SER C 197 -10.84 -10.44 -32.31
CA SER C 197 -11.80 -9.38 -32.05
C SER C 197 -12.84 -9.30 -33.15
N GLY C 198 -12.44 -8.90 -34.35
CA GLY C 198 -13.39 -8.70 -35.43
C GLY C 198 -13.60 -9.93 -36.27
N VAL C 199 -14.01 -11.03 -35.64
CA VAL C 199 -14.18 -12.30 -36.35
C VAL C 199 -15.51 -12.92 -35.96
N PRO C 200 -16.25 -13.51 -36.90
CA PRO C 200 -17.51 -14.18 -36.55
C PRO C 200 -17.27 -15.42 -35.71
N ASP C 201 -18.27 -15.79 -34.92
CA ASP C 201 -18.16 -16.92 -34.03
C ASP C 201 -18.14 -18.26 -34.77
N ARG C 202 -18.48 -18.25 -36.06
CA ARG C 202 -18.55 -19.50 -36.81
C ARG C 202 -17.20 -20.18 -36.94
N PHE C 203 -16.12 -19.40 -37.05
CA PHE C 203 -14.77 -19.96 -36.93
C PHE C 203 -14.60 -20.54 -35.55
N SER C 204 -13.89 -21.67 -35.46
CA SER C 204 -13.66 -22.34 -34.17
C SER C 204 -12.35 -23.10 -34.24
N GLY C 205 -11.92 -23.61 -33.08
CA GLY C 205 -10.67 -24.34 -33.02
C GLY C 205 -10.71 -25.51 -32.06
N SER C 206 -10.32 -26.69 -32.55
CA SER C 206 -10.30 -27.89 -31.73
C SER C 206 -8.96 -28.56 -31.93
N GLY C 207 -8.29 -28.89 -30.83
CA GLY C 207 -6.93 -29.37 -30.91
C GLY C 207 -6.66 -30.53 -29.98
N SER C 208 -5.45 -31.08 -30.12
CA SER C 208 -4.97 -32.15 -29.25
C SER C 208 -3.58 -31.89 -28.73
N GLY C 209 -2.77 -31.13 -29.46
CA GLY C 209 -1.40 -30.86 -29.05
C GLY C 209 -0.42 -31.01 -30.20
N THR C 210 -0.67 -31.97 -31.08
CA THR C 210 0.22 -32.24 -32.21
C THR C 210 -0.49 -32.33 -33.54
N ALA C 211 -1.77 -32.69 -33.56
CA ALA C 211 -2.55 -32.76 -34.78
C ALA C 211 -3.90 -32.10 -34.50
N PHE C 212 -4.20 -31.04 -35.24
CA PHE C 212 -5.30 -30.15 -34.88
C PHE C 212 -5.67 -29.23 -36.02
N THR C 213 -6.88 -28.67 -35.93
CA THR C 213 -7.64 -28.11 -37.05
C THR C 213 -8.57 -27.02 -36.54
N LEU C 214 -9.21 -26.33 -37.48
CA LEU C 214 -10.25 -25.36 -37.18
C LEU C 214 -11.54 -25.78 -37.88
N THR C 215 -12.68 -25.55 -37.24
CA THR C 215 -13.97 -25.96 -37.77
C THR C 215 -14.76 -24.74 -38.21
N ILE C 216 -15.10 -24.68 -39.50
CA ILE C 216 -15.85 -23.55 -40.04
C ILE C 216 -17.29 -24.02 -40.20
N SER C 217 -18.25 -23.10 -40.22
CA SER C 217 -19.64 -23.51 -40.43
C SER C 217 -20.26 -22.88 -41.67
N ARG C 218 -20.21 -21.55 -41.78
CA ARG C 218 -20.83 -20.83 -42.87
C ARG C 218 -19.76 -20.18 -43.73
N LEU C 219 -19.78 -20.49 -45.03
CA LEU C 219 -18.75 -20.04 -45.95
C LEU C 219 -19.34 -18.97 -46.85
N GLU C 220 -19.33 -17.74 -46.38
CA GLU C 220 -19.91 -16.66 -47.17
C GLU C 220 -18.88 -16.07 -48.14
N ALA C 221 -19.29 -15.07 -48.93
CA ALA C 221 -18.46 -14.52 -49.99
C ALA C 221 -17.15 -13.95 -49.49
N GLU C 222 -17.07 -13.62 -48.20
CA GLU C 222 -15.83 -13.15 -47.60
C GLU C 222 -15.20 -14.17 -46.67
N ASP C 223 -15.61 -15.44 -46.74
CA ASP C 223 -14.93 -16.51 -46.03
C ASP C 223 -14.04 -17.32 -46.97
N VAL C 224 -13.81 -16.81 -48.18
CA VAL C 224 -12.97 -17.45 -49.18
C VAL C 224 -11.53 -17.00 -48.98
N GLY C 225 -10.62 -17.95 -49.02
CA GLY C 225 -9.22 -17.62 -48.88
C GLY C 225 -8.30 -18.80 -48.63
N VAL C 226 -7.14 -18.53 -48.03
CA VAL C 226 -6.13 -19.54 -47.78
C VAL C 226 -5.86 -19.56 -46.28
N TYR C 227 -6.07 -20.71 -45.64
CA TYR C 227 -5.99 -20.80 -44.18
C TYR C 227 -4.59 -21.21 -43.75
N TYR C 228 -3.72 -20.21 -43.63
CA TYR C 228 -2.36 -20.45 -43.18
C TYR C 228 -2.34 -20.82 -41.70
N CYS C 229 -1.14 -20.95 -41.17
CA CYS C 229 -0.95 -21.44 -39.82
C CYS C 229 0.41 -20.99 -39.30
N MET C 230 0.54 -20.95 -37.98
CA MET C 230 1.79 -20.46 -37.38
C MET C 230 1.83 -20.83 -35.92
N GLN C 231 3.03 -21.12 -35.41
CA GLN C 231 3.23 -21.55 -34.03
C GLN C 231 4.21 -20.63 -33.31
N HIS C 232 3.99 -20.42 -32.02
CA HIS C 232 4.77 -19.45 -31.29
C HIS C 232 5.43 -20.05 -30.06
N LEU C 233 6.03 -21.23 -30.19
CA LEU C 233 6.62 -21.94 -29.07
C LEU C 233 8.14 -21.85 -29.03
N GLU C 234 8.78 -21.70 -30.18
CA GLU C 234 10.22 -21.47 -30.31
C GLU C 234 10.35 -20.20 -31.13
N TYR C 235 11.55 -19.87 -31.60
CA TYR C 235 11.51 -18.83 -32.63
C TYR C 235 12.12 -19.23 -33.97
N PRO C 236 11.53 -20.21 -34.65
CA PRO C 236 11.44 -20.15 -36.11
C PRO C 236 10.16 -19.50 -36.60
N LEU C 237 9.13 -19.40 -35.75
CA LEU C 237 7.81 -18.85 -36.11
C LEU C 237 7.36 -19.38 -37.46
N THR C 238 7.07 -20.68 -37.49
CA THR C 238 6.90 -21.41 -38.73
C THR C 238 5.53 -21.15 -39.34
N PHE C 239 5.38 -21.48 -40.61
CA PHE C 239 4.10 -21.36 -41.30
C PHE C 239 3.89 -22.60 -42.16
N GLY C 240 2.70 -22.74 -42.73
CA GLY C 240 2.46 -23.86 -43.61
C GLY C 240 2.33 -23.37 -45.03
N ALA C 241 2.15 -24.32 -45.94
CA ALA C 241 2.01 -23.97 -47.35
C ALA C 241 0.75 -23.14 -47.58
N GLY C 242 -0.32 -23.43 -46.85
CA GLY C 242 -1.55 -22.69 -46.99
C GLY C 242 -2.60 -23.39 -47.83
N THR C 243 -3.64 -23.89 -47.18
CA THR C 243 -4.74 -24.52 -47.91
C THR C 243 -5.66 -23.44 -48.48
N LYS C 244 -5.88 -23.49 -49.79
CA LYS C 244 -6.62 -22.47 -50.52
C LYS C 244 -8.04 -22.98 -50.78
N LEU C 245 -9.00 -22.46 -50.02
CA LEU C 245 -10.39 -22.84 -50.22
C LEU C 245 -11.00 -22.12 -51.41
N GLU C 246 -11.72 -22.86 -52.25
CA GLU C 246 -12.43 -22.28 -53.38
C GLU C 246 -13.93 -22.24 -53.12
N LEU C 247 -14.61 -21.33 -53.82
CA LEU C 247 -16.05 -21.13 -53.65
C LEU C 247 -16.83 -22.43 -53.87
N CYS D 3 13.45 -21.20 -20.19
CA CYS D 3 13.69 -22.52 -19.61
C CYS D 3 12.40 -23.32 -19.57
N THR D 4 11.66 -23.21 -18.47
CA THR D 4 10.32 -23.77 -18.36
C THR D 4 9.26 -22.74 -18.71
N LEU D 5 9.56 -21.81 -19.60
CA LEU D 5 8.62 -20.77 -19.97
C LEU D 5 8.79 -20.40 -21.44
N SER D 6 7.66 -20.11 -22.09
CA SER D 6 7.55 -20.07 -23.53
C SER D 6 8.09 -18.76 -24.09
N ALA D 7 7.88 -18.56 -25.40
CA ALA D 7 8.32 -17.33 -26.03
C ALA D 7 7.50 -16.14 -25.58
N GLU D 8 6.18 -16.32 -25.44
CA GLU D 8 5.36 -15.26 -24.89
C GLU D 8 5.65 -15.02 -23.42
N ASP D 9 5.94 -16.07 -22.67
CA ASP D 9 6.30 -15.85 -21.27
C ASP D 9 7.55 -14.99 -21.18
N LYS D 10 8.51 -15.19 -22.08
CA LYS D 10 9.69 -14.32 -22.12
C LYS D 10 9.31 -12.90 -22.48
N ALA D 11 8.47 -12.72 -23.50
CA ALA D 11 8.08 -11.36 -23.87
C ALA D 11 7.21 -10.73 -22.79
N ALA D 12 6.51 -11.55 -22.01
CA ALA D 12 5.66 -11.06 -20.93
C ALA D 12 6.49 -10.60 -19.75
N VAL D 13 7.52 -11.36 -19.39
CA VAL D 13 8.42 -10.89 -18.36
C VAL D 13 9.17 -9.67 -18.85
N GLU D 14 9.42 -9.57 -20.15
CA GLU D 14 9.96 -8.33 -20.68
C GLU D 14 9.00 -7.17 -20.44
N ARG D 15 7.71 -7.37 -20.70
CA ARG D 15 6.73 -6.32 -20.49
C ARG D 15 6.64 -5.95 -19.01
N SER D 16 6.67 -6.94 -18.14
CA SER D 16 6.63 -6.66 -16.71
C SER D 16 7.84 -5.88 -16.25
N LYS D 17 9.03 -6.24 -16.75
CA LYS D 17 10.22 -5.48 -16.38
C LYS D 17 10.13 -4.06 -16.92
N MET D 18 9.55 -3.88 -18.10
CA MET D 18 9.35 -2.54 -18.63
C MET D 18 8.45 -1.74 -17.69
N ILE D 19 7.43 -2.40 -17.15
CA ILE D 19 6.54 -1.74 -16.22
C ILE D 19 7.25 -1.40 -14.92
N GLU D 20 8.09 -2.31 -14.40
CA GLU D 20 8.94 -1.99 -13.27
C GLU D 20 9.77 -0.75 -13.52
N LYS D 21 10.32 -0.61 -14.73
CA LYS D 21 11.11 0.56 -15.03
C LYS D 21 10.28 1.83 -14.94
N GLN D 22 9.08 1.80 -15.52
CA GLN D 22 8.20 2.96 -15.39
C GLN D 22 7.87 3.23 -13.92
N LEU D 23 7.61 2.18 -13.16
CA LEU D 23 7.27 2.35 -11.75
C LEU D 23 8.42 2.97 -10.97
N GLN D 24 9.65 2.59 -11.28
CA GLN D 24 10.77 3.16 -10.53
C GLN D 24 11.01 4.61 -10.94
N LYS D 25 10.75 4.96 -12.20
CA LYS D 25 10.75 6.39 -12.53
C LYS D 25 9.71 7.13 -11.69
N ASP D 26 8.52 6.54 -11.56
CA ASP D 26 7.48 7.17 -10.76
C ASP D 26 7.89 7.29 -9.30
N LYS D 27 8.54 6.26 -8.77
CA LYS D 27 9.02 6.30 -7.40
C LYS D 27 10.06 7.39 -7.20
N GLN D 28 10.96 7.56 -8.16
CA GLN D 28 11.88 8.70 -8.12
C GLN D 28 11.10 10.00 -8.00
N VAL D 29 10.01 10.12 -8.76
CA VAL D 29 9.18 11.31 -8.62
C VAL D 29 8.54 11.35 -7.24
N TYR D 30 7.97 10.23 -6.80
CA TYR D 30 7.07 10.25 -5.65
C TYR D 30 7.82 10.33 -4.32
N ARG D 31 9.05 9.83 -4.26
CA ARG D 31 9.79 9.87 -3.01
C ARG D 31 10.29 11.28 -2.70
N ARG D 32 10.47 12.08 -3.67
CA ARG D 32 11.03 13.33 -3.36
C ARG D 32 10.09 14.37 -3.27
N THR D 33 8.92 14.01 -2.96
CA THR D 33 7.85 14.99 -2.77
C THR D 33 7.25 14.86 -1.38
N LEU D 34 6.76 15.97 -0.85
CA LEU D 34 6.25 16.03 0.51
C LEU D 34 4.76 16.32 0.48
N ARG D 35 4.00 15.54 1.25
CA ARG D 35 2.54 15.58 1.21
C ARG D 35 2.01 16.08 2.54
N LEU D 36 1.28 17.18 2.51
CA LEU D 36 0.73 17.82 3.68
C LEU D 36 -0.78 17.73 3.63
N LEU D 37 -1.39 17.17 4.66
CA LEU D 37 -2.84 17.21 4.80
C LEU D 37 -3.19 18.46 5.58
N LEU D 38 -4.05 19.29 5.02
CA LEU D 38 -4.39 20.57 5.62
C LEU D 38 -5.78 20.51 6.22
N LEU D 39 -5.85 20.49 7.54
CA LEU D 39 -7.11 20.48 8.26
C LEU D 39 -7.40 21.87 8.77
N GLY D 40 -8.43 21.97 9.59
CA GLY D 40 -8.91 23.25 10.09
C GLY D 40 -10.41 23.35 9.95
N ALA D 41 -10.98 24.35 10.60
CA ALA D 41 -12.42 24.52 10.64
C ALA D 41 -12.86 25.61 9.68
N ASP D 42 -14.17 25.72 9.51
CA ASP D 42 -14.71 26.73 8.60
C ASP D 42 -14.41 28.14 9.10
N ASN D 43 -14.22 28.31 10.41
CA ASN D 43 -13.82 29.62 10.92
C ASN D 43 -12.36 29.91 10.65
N SER D 44 -11.53 28.86 10.59
CA SER D 44 -10.11 29.01 10.36
C SER D 44 -9.86 29.64 8.99
N GLY D 45 -8.67 30.19 8.83
CA GLY D 45 -8.31 30.79 7.55
C GLY D 45 -7.86 29.74 6.56
N LYS D 46 -8.47 28.56 6.67
CA LYS D 46 -8.04 27.40 5.88
C LYS D 46 -7.96 27.73 4.41
N SER D 47 -8.91 28.51 3.88
CA SER D 47 -8.83 28.94 2.50
C SER D 47 -7.67 29.90 2.28
N THR D 48 -7.39 30.75 3.27
CA THR D 48 -6.41 31.81 3.07
C THR D 48 -5.00 31.26 3.07
N ILE D 49 -4.72 30.23 3.88
CA ILE D 49 -3.42 29.59 3.84
C ILE D 49 -3.18 28.98 2.46
N VAL D 50 -4.19 28.30 1.93
CA VAL D 50 -4.08 27.69 0.61
C VAL D 50 -3.89 28.75 -0.45
N LYS D 51 -4.64 29.86 -0.36
CA LYS D 51 -4.50 30.92 -1.35
C LYS D 51 -3.11 31.54 -1.29
N GLN D 52 -2.60 31.79 -0.09
CA GLN D 52 -1.28 32.37 0.05
C GLN D 52 -0.22 31.48 -0.58
N MET D 53 -0.21 30.19 -0.22
CA MET D 53 0.83 29.34 -0.79
C MET D 53 0.55 28.98 -2.24
N ARG D 54 -0.68 29.16 -2.72
CA ARG D 54 -0.91 28.98 -4.15
C ARG D 54 -0.31 30.13 -4.93
N ILE D 55 -0.54 31.36 -4.47
CA ILE D 55 0.10 32.51 -5.10
C ILE D 55 1.61 32.41 -4.90
N TYR D 56 2.05 31.60 -3.93
CA TYR D 56 3.47 31.29 -3.83
C TYR D 56 3.93 30.38 -4.98
N HIS D 57 3.13 29.36 -5.31
CA HIS D 57 3.51 28.42 -6.36
C HIS D 57 3.61 29.11 -7.73
N VAL D 179 -15.24 19.30 -11.08
CA VAL D 179 -14.67 20.13 -10.02
C VAL D 179 -15.79 20.81 -9.22
N LYS D 180 -17.01 20.29 -9.37
CA LYS D 180 -18.17 20.86 -8.66
C LYS D 180 -18.37 20.18 -7.30
N THR D 181 -18.37 18.86 -7.29
CA THR D 181 -18.50 18.06 -6.08
C THR D 181 -17.23 17.27 -5.78
N SER D 182 -16.06 17.90 -5.95
CA SER D 182 -14.80 17.19 -5.78
C SER D 182 -14.55 16.90 -4.31
N GLY D 183 -14.25 15.64 -4.02
CA GLY D 183 -14.04 15.25 -2.63
C GLY D 183 -12.81 15.85 -2.01
N ILE D 184 -11.74 15.99 -2.77
CA ILE D 184 -10.50 16.52 -2.23
C ILE D 184 -9.85 17.42 -3.26
N PHE D 185 -9.44 18.58 -2.81
CA PHE D 185 -8.68 19.50 -3.63
C PHE D 185 -7.21 19.32 -3.31
N GLU D 186 -6.36 19.97 -4.09
CA GLU D 186 -4.95 19.93 -3.76
C GLU D 186 -4.26 21.10 -4.45
N THR D 187 -3.26 21.64 -3.77
CA THR D 187 -2.40 22.68 -4.32
C THR D 187 -0.99 22.13 -4.36
N LYS D 188 -0.32 22.32 -5.49
CA LYS D 188 1.09 22.01 -5.63
C LYS D 188 1.87 23.28 -5.36
N PHE D 189 2.96 23.16 -4.62
CA PHE D 189 3.83 24.32 -4.48
C PHE D 189 5.21 23.84 -4.06
N GLN D 190 6.19 24.70 -4.31
CA GLN D 190 7.58 24.40 -4.06
C GLN D 190 8.21 25.56 -3.32
N VAL D 191 9.21 25.25 -2.49
CA VAL D 191 9.84 26.30 -1.69
C VAL D 191 11.30 26.49 -2.07
N ASP D 192 12.14 25.48 -1.86
CA ASP D 192 13.52 25.50 -2.34
C ASP D 192 13.70 24.22 -3.13
N LYS D 193 13.28 24.23 -4.39
CA LYS D 193 13.40 23.06 -5.26
C LYS D 193 12.87 21.80 -4.60
N VAL D 194 11.87 21.95 -3.72
CA VAL D 194 11.24 20.82 -3.07
C VAL D 194 9.74 20.93 -3.27
N ASN D 195 9.16 19.92 -3.89
CA ASN D 195 7.77 20.00 -4.31
C ASN D 195 6.85 19.53 -3.21
N PHE D 196 6.03 20.45 -2.69
CA PHE D 196 5.05 20.13 -1.68
C PHE D 196 3.70 19.91 -2.33
N HIS D 197 2.92 19.00 -1.76
CA HIS D 197 1.67 18.58 -2.36
C HIS D 197 0.63 18.55 -1.25
N MET D 198 -0.12 19.63 -1.12
CA MET D 198 -0.97 19.86 0.03
C MET D 198 -2.42 19.54 -0.31
N PHE D 199 -3.05 18.67 0.45
CA PHE D 199 -4.40 18.23 0.17
C PHE D 199 -5.39 18.89 1.11
N ASP D 200 -6.13 19.86 0.59
CA ASP D 200 -7.24 20.45 1.31
C ASP D 200 -8.48 19.59 1.09
N VAL D 201 -8.90 18.86 2.13
CA VAL D 201 -10.04 17.98 2.00
C VAL D 201 -11.27 18.78 1.60
N GLY D 202 -12.01 18.29 0.61
CA GLY D 202 -13.08 19.07 0.06
C GLY D 202 -14.45 18.67 0.56
N ALA D 203 -15.40 18.53 -0.36
CA ALA D 203 -16.80 18.33 0.01
C ALA D 203 -16.97 16.92 0.57
N GLN D 204 -16.48 16.74 1.79
CA GLN D 204 -16.70 15.52 2.54
C GLN D 204 -17.71 15.83 3.64
N ARG D 205 -18.07 14.81 4.40
CA ARG D 205 -19.08 15.06 5.41
C ARG D 205 -18.48 15.55 6.72
N ASP D 206 -19.36 15.90 7.64
CA ASP D 206 -18.94 16.51 8.89
C ASP D 206 -18.09 15.55 9.71
N GLU D 207 -18.50 14.29 9.78
CA GLU D 207 -17.67 13.28 10.42
C GLU D 207 -16.41 13.06 9.61
N ARG D 208 -15.34 12.66 10.28
CA ARG D 208 -14.06 12.48 9.60
C ARG D 208 -13.27 11.27 10.07
N ARG D 209 -13.83 10.41 10.90
CA ARG D 209 -13.00 9.37 11.49
C ARG D 209 -12.54 8.31 10.50
N LYS D 210 -13.09 8.27 9.30
CA LYS D 210 -12.69 7.26 8.33
C LYS D 210 -11.86 7.79 7.17
N TRP D 211 -12.18 8.94 6.62
CA TRP D 211 -11.29 9.44 5.59
C TRP D 211 -10.04 10.07 6.18
N ILE D 212 -9.97 10.26 7.49
CA ILE D 212 -8.75 10.78 8.08
C ILE D 212 -7.65 9.74 8.03
N GLN D 213 -8.02 8.47 8.01
CA GLN D 213 -7.01 7.42 8.01
C GLN D 213 -6.26 7.37 6.70
N CYS D 214 -6.73 8.10 5.69
CA CYS D 214 -6.06 8.07 4.40
C CYS D 214 -4.84 8.97 4.37
N PHE D 215 -4.52 9.63 5.46
CA PHE D 215 -3.37 10.52 5.52
C PHE D 215 -2.40 10.09 6.62
N ASN D 216 -2.34 8.80 6.90
CA ASN D 216 -1.37 8.34 7.88
C ASN D 216 0.05 8.42 7.35
N ASP D 217 0.23 8.41 6.04
CA ASP D 217 1.57 8.45 5.46
C ASP D 217 1.97 9.85 5.03
N VAL D 218 1.13 10.85 5.23
CA VAL D 218 1.52 12.19 4.85
C VAL D 218 2.58 12.70 5.81
N THR D 219 3.25 13.76 5.41
CA THR D 219 4.21 14.44 6.28
C THR D 219 3.57 15.70 6.82
N ALA D 220 3.49 15.82 8.14
CA ALA D 220 3.18 17.09 8.77
C ALA D 220 1.81 17.63 8.36
N ILE D 221 0.77 17.00 8.90
CA ILE D 221 -0.55 17.61 8.90
C ILE D 221 -0.46 19.07 9.27
N ILE D 222 -0.98 19.96 8.44
CA ILE D 222 -1.17 21.33 8.86
C ILE D 222 -2.51 21.43 9.56
N PHE D 223 -2.50 21.96 10.78
CA PHE D 223 -3.73 22.21 11.52
C PHE D 223 -3.88 23.71 11.66
N VAL D 224 -5.10 24.20 11.54
CA VAL D 224 -5.34 25.63 11.58
C VAL D 224 -6.49 25.89 12.54
N VAL D 225 -6.33 26.90 13.39
CA VAL D 225 -7.39 27.31 14.30
C VAL D 225 -7.55 28.81 14.17
N ASP D 226 -8.65 29.30 14.69
CA ASP D 226 -8.91 30.72 14.82
C ASP D 226 -8.65 31.13 16.25
N SER D 227 -7.59 31.90 16.47
CA SER D 227 -7.26 32.34 17.82
C SER D 227 -8.39 33.17 18.41
N SER D 228 -8.84 34.18 17.69
CA SER D 228 -9.88 35.08 18.18
C SER D 228 -11.23 34.42 17.94
N ASP D 229 -11.71 33.71 18.96
CA ASP D 229 -12.91 32.89 18.82
C ASP D 229 -13.32 32.19 20.11
N ARG D 232 -15.77 29.18 21.49
CA ARG D 232 -15.83 28.47 20.22
C ARG D 232 -14.46 27.92 19.84
N LEU D 233 -13.42 28.37 20.55
CA LEU D 233 -12.08 27.84 20.32
C LEU D 233 -11.90 26.46 20.93
N GLN D 234 -12.63 26.16 22.01
CA GLN D 234 -12.48 24.86 22.64
C GLN D 234 -12.79 23.72 21.69
N GLU D 235 -13.67 23.95 20.71
CA GLU D 235 -13.91 22.93 19.70
C GLU D 235 -12.64 22.62 18.93
N ALA D 236 -11.93 23.67 18.52
CA ALA D 236 -10.65 23.46 17.84
C ALA D 236 -9.67 22.76 18.77
N LEU D 237 -9.66 23.16 20.04
CA LEU D 237 -8.77 22.52 21.01
C LEU D 237 -9.04 21.03 21.08
N ASN D 238 -10.32 20.66 21.18
CA ASN D 238 -10.67 19.26 21.33
C ASN D 238 -10.38 18.49 20.05
N ASP D 239 -10.56 19.12 18.90
CA ASP D 239 -10.29 18.43 17.65
C ASP D 239 -8.81 18.15 17.47
N PHE D 240 -7.97 19.13 17.78
CA PHE D 240 -6.53 18.91 17.72
C PHE D 240 -6.10 17.91 18.76
N LYS D 241 -6.75 17.92 19.93
CA LYS D 241 -6.47 16.90 20.94
C LYS D 241 -6.77 15.52 20.39
N SER D 242 -7.85 15.39 19.63
CA SER D 242 -8.18 14.10 19.02
C SER D 242 -7.19 13.72 17.92
N ILE D 243 -6.79 14.68 17.10
CA ILE D 243 -5.83 14.42 16.04
C ILE D 243 -4.51 13.94 16.63
N TRP D 244 -4.13 14.49 17.79
CA TRP D 244 -2.90 14.05 18.43
C TRP D 244 -2.94 12.59 18.81
N ASN D 245 -4.04 12.14 19.38
CA ASN D 245 -4.11 10.83 20.02
C ASN D 245 -4.59 9.73 19.09
N ASN D 246 -4.96 10.06 17.86
CA ASN D 246 -5.51 9.05 16.96
C ASN D 246 -4.43 8.08 16.53
N ARG D 247 -4.71 6.79 16.62
CA ARG D 247 -3.86 5.83 15.95
C ARG D 247 -3.82 6.18 14.46
N TRP D 248 -2.69 5.91 13.83
CA TRP D 248 -2.38 6.24 12.43
C TRP D 248 -2.14 7.71 12.28
N LEU D 249 -2.44 8.51 13.29
CA LEU D 249 -2.14 9.92 13.24
C LEU D 249 -0.99 10.25 14.16
N ARG D 250 -0.68 9.36 15.10
CA ARG D 250 0.63 9.36 15.71
C ARG D 250 1.69 9.19 14.63
N THR D 251 2.93 9.44 14.99
CA THR D 251 4.05 9.47 14.04
C THR D 251 3.88 10.56 12.99
N ILE D 252 2.84 11.37 13.06
CA ILE D 252 2.65 12.50 12.16
C ILE D 252 2.67 13.76 13.00
N SER D 253 3.56 14.66 12.68
CA SER D 253 3.78 15.83 13.52
C SER D 253 2.92 16.99 13.01
N VAL D 254 1.94 17.38 13.80
CA VAL D 254 1.07 18.48 13.43
C VAL D 254 1.87 19.76 13.29
N ILE D 255 1.40 20.64 12.42
CA ILE D 255 1.89 22.01 12.36
C ILE D 255 0.73 22.91 12.71
N LEU D 256 0.90 23.77 13.71
CA LEU D 256 -0.16 24.68 14.11
C LEU D 256 -0.05 26.00 13.38
N PHE D 257 -1.17 26.50 12.91
CA PHE D 257 -1.24 27.84 12.36
C PHE D 257 -2.38 28.54 13.09
N LEU D 258 -2.05 29.43 14.00
CA LEU D 258 -3.08 30.14 14.73
C LEU D 258 -3.44 31.40 13.94
N ASN D 259 -4.49 31.32 13.14
CA ASN D 259 -4.93 32.46 12.35
C ASN D 259 -5.64 33.49 13.20
N LYS D 260 -6.05 34.57 12.54
CA LYS D 260 -6.71 35.70 13.16
C LYS D 260 -5.92 36.19 14.37
N GLN D 261 -4.60 36.16 14.23
CA GLN D 261 -3.73 36.76 15.24
C GLN D 261 -4.01 38.23 15.42
N ASP D 262 -4.05 38.99 14.33
CA ASP D 262 -4.37 40.41 14.44
C ASP D 262 -5.80 40.59 14.92
N LEU D 263 -6.73 39.79 14.40
CA LEU D 263 -8.09 39.87 14.90
C LEU D 263 -8.12 39.60 16.41
N LEU D 264 -7.22 38.75 16.90
CA LEU D 264 -7.10 38.56 18.32
C LEU D 264 -6.55 39.81 18.99
N ALA D 265 -5.66 40.52 18.31
CA ALA D 265 -5.16 41.77 18.86
C ALA D 265 -6.30 42.74 19.12
N GLU D 266 -7.12 42.99 18.10
CA GLU D 266 -8.28 43.86 18.37
C GLU D 266 -9.33 43.21 19.27
N LYS D 267 -9.37 41.88 19.39
CA LYS D 267 -10.38 41.32 20.27
C LYS D 267 -9.97 41.42 21.73
N VAL D 268 -8.66 41.52 22.01
CA VAL D 268 -8.18 41.64 23.38
C VAL D 268 -7.94 43.09 23.74
N LEU D 269 -7.01 43.76 23.04
CA LEU D 269 -6.61 45.09 23.47
C LEU D 269 -7.71 46.12 23.21
N ALA D 270 -8.51 45.93 22.17
CA ALA D 270 -9.47 46.95 21.78
C ALA D 270 -10.88 46.39 21.83
N GLY D 271 -11.22 45.70 22.92
CA GLY D 271 -12.50 45.03 22.96
C GLY D 271 -12.98 44.79 24.37
N LYS D 272 -14.10 44.08 24.45
CA LYS D 272 -14.81 43.81 25.70
C LYS D 272 -14.64 42.38 26.19
N SER D 273 -14.99 41.41 25.35
CA SER D 273 -15.06 40.02 25.77
C SER D 273 -13.71 39.55 26.31
N LYS D 274 -13.73 38.91 27.47
CA LYS D 274 -12.53 38.47 28.14
C LYS D 274 -12.40 36.96 28.05
N ILE D 275 -11.17 36.50 27.87
CA ILE D 275 -10.89 35.07 27.83
C ILE D 275 -11.08 34.42 29.19
N GLU D 276 -11.34 35.21 30.23
CA GLU D 276 -11.52 34.64 31.57
C GLU D 276 -12.64 33.61 31.58
N ASP D 277 -13.77 33.92 30.95
CA ASP D 277 -14.74 32.86 30.72
C ASP D 277 -14.41 32.15 29.42
N TYR D 278 -14.81 30.87 29.36
CA TYR D 278 -14.35 29.88 28.39
C TYR D 278 -12.95 29.41 28.75
N PHE D 279 -12.28 30.12 29.67
CA PHE D 279 -10.93 29.82 30.09
C PHE D 279 -10.66 30.47 31.44
N PRO D 280 -11.14 29.90 32.53
CA PRO D 280 -10.98 30.55 33.84
C PRO D 280 -9.54 30.74 34.24
N GLU D 281 -8.66 29.81 33.92
CA GLU D 281 -7.25 29.96 34.31
C GLU D 281 -6.47 30.79 33.30
N PHE D 282 -7.04 31.94 32.95
CA PHE D 282 -6.32 32.97 32.22
C PHE D 282 -6.04 34.20 33.07
N ALA D 283 -6.83 34.46 34.10
CA ALA D 283 -6.46 35.48 35.06
C ALA D 283 -5.19 35.10 35.79
N ARG D 284 -5.13 33.87 36.29
CA ARG D 284 -3.98 33.37 37.02
C ARG D 284 -2.95 32.73 36.07
N TYR D 285 -2.56 33.46 35.03
CA TYR D 285 -1.60 32.89 34.09
C TYR D 285 -0.19 33.41 34.29
N THR D 286 -0.02 34.74 34.29
CA THR D 286 1.28 35.36 34.57
C THR D 286 2.36 34.87 33.60
N THR D 287 2.22 35.34 32.35
CA THR D 287 3.02 34.95 31.20
C THR D 287 4.47 34.60 31.52
N PRO D 288 4.99 33.52 30.93
CA PRO D 288 6.41 33.19 31.15
C PRO D 288 7.30 34.19 30.43
N GLU D 289 8.62 34.06 30.60
CA GLU D 289 9.57 35.01 30.03
C GLU D 289 9.61 34.82 28.52
N ASP D 290 8.81 35.61 27.81
CA ASP D 290 8.78 35.55 26.36
C ASP D 290 10.15 35.91 25.79
N ALA D 291 10.59 35.15 24.79
CA ALA D 291 11.91 35.38 24.21
C ALA D 291 12.00 36.78 23.62
N THR D 292 11.21 37.05 22.58
CA THR D 292 11.18 38.38 21.97
C THR D 292 9.91 38.52 21.15
N PRO D 293 8.75 38.71 21.78
CA PRO D 293 7.53 38.96 21.02
C PRO D 293 7.69 40.21 20.17
N GLU D 294 6.99 40.22 19.04
CA GLU D 294 7.02 41.38 18.17
C GLU D 294 6.68 42.63 18.97
N PRO D 295 7.54 43.65 18.96
CA PRO D 295 7.41 44.73 19.94
C PRO D 295 6.12 45.53 19.84
N GLY D 296 5.44 45.48 18.70
CA GLY D 296 4.16 46.17 18.59
C GLY D 296 3.09 45.60 19.50
N GLU D 297 3.34 44.44 20.10
CA GLU D 297 2.31 43.76 20.87
C GLU D 297 2.25 44.30 22.29
N ASP D 298 1.09 44.82 22.67
CA ASP D 298 0.86 45.20 24.06
C ASP D 298 0.88 43.95 24.95
N PRO D 299 1.36 44.07 26.18
CA PRO D 299 1.59 42.87 27.00
C PRO D 299 0.35 42.00 27.19
N ARG D 300 -0.84 42.60 27.29
CA ARG D 300 -2.05 41.79 27.40
C ARG D 300 -2.20 40.90 26.18
N VAL D 301 -1.96 41.46 25.00
CA VAL D 301 -2.08 40.69 23.76
C VAL D 301 -1.11 39.51 23.78
N THR D 302 0.14 39.78 24.15
CA THR D 302 1.14 38.73 24.20
C THR D 302 0.77 37.66 25.21
N ARG D 303 0.23 38.07 26.35
CA ARG D 303 -0.15 37.11 27.38
C ARG D 303 -1.22 36.17 26.87
N ALA D 304 -2.29 36.72 26.28
CA ALA D 304 -3.36 35.88 25.77
C ALA D 304 -2.88 35.00 24.62
N LYS D 305 -2.13 35.61 23.70
CA LYS D 305 -1.60 34.92 22.55
C LYS D 305 -0.76 33.74 22.96
N TYR D 306 0.07 33.92 23.99
CA TYR D 306 0.87 32.82 24.48
C TYR D 306 0.01 31.82 25.23
N PHE D 307 -1.09 32.28 25.82
CA PHE D 307 -1.98 31.35 26.52
C PHE D 307 -2.53 30.32 25.56
N ILE D 308 -2.97 30.79 24.40
CA ILE D 308 -3.56 29.88 23.42
C ILE D 308 -2.53 28.86 22.97
N ARG D 309 -1.35 29.34 22.58
CA ARG D 309 -0.27 28.46 22.19
C ARG D 309 0.01 27.44 23.27
N LYS D 310 -0.05 27.85 24.53
CA LYS D 310 0.33 26.96 25.61
C LYS D 310 -0.74 25.89 25.83
N GLU D 311 -2.02 26.27 25.73
CA GLU D 311 -3.09 25.27 25.80
C GLU D 311 -2.95 24.22 24.71
N PHE D 312 -2.61 24.64 23.50
CA PHE D 312 -2.42 23.66 22.45
C PHE D 312 -1.22 22.77 22.74
N VAL D 313 -0.12 23.38 23.19
CA VAL D 313 1.11 22.63 23.37
C VAL D 313 0.97 21.63 24.50
N ASP D 314 0.27 21.98 25.57
CA ASP D 314 0.18 21.05 26.71
C ASP D 314 -0.38 19.71 26.27
N ILE D 315 -1.54 19.72 25.62
CA ILE D 315 -2.09 18.48 25.10
C ILE D 315 -1.24 17.93 23.98
N SER D 316 -0.40 18.75 23.34
CA SER D 316 0.55 18.15 22.42
C SER D 316 1.59 17.34 23.18
N THR D 317 2.11 17.88 24.27
CA THR D 317 3.15 17.22 25.03
C THR D 317 2.61 16.18 26.02
N ALA D 318 1.31 16.21 26.31
CA ALA D 318 0.77 15.28 27.28
C ALA D 318 0.94 13.83 26.85
N SER D 319 0.52 13.51 25.64
CA SER D 319 0.47 12.13 25.19
C SER D 319 1.51 11.77 24.14
N GLY D 320 1.89 12.70 23.27
CA GLY D 320 2.81 12.35 22.21
C GLY D 320 4.24 12.45 22.70
N ASP D 321 4.82 11.31 23.06
CA ASP D 321 6.06 11.31 23.81
C ASP D 321 7.20 11.97 23.04
N GLY D 322 7.68 11.32 21.98
CA GLY D 322 8.82 11.87 21.28
C GLY D 322 8.66 12.00 19.79
N ARG D 323 7.82 11.17 19.20
CA ARG D 323 7.77 11.05 17.75
C ARG D 323 6.78 12.01 17.11
N HIS D 324 5.67 12.31 17.75
CA HIS D 324 5.01 13.56 17.43
C HIS D 324 5.93 14.71 17.73
N ILE D 325 5.80 15.77 16.96
CA ILE D 325 6.11 17.11 17.42
C ILE D 325 4.89 17.95 17.10
N CYS D 326 4.69 19.03 17.83
CA CYS D 326 3.69 20.03 17.48
C CYS D 326 4.39 21.36 17.29
N TYR D 327 4.25 21.94 16.12
CA TYR D 327 4.95 23.17 15.77
C TYR D 327 3.92 24.29 15.79
N PRO D 328 3.87 25.09 16.85
CA PRO D 328 2.95 26.21 16.88
C PRO D 328 3.46 27.36 16.04
N HIS D 329 2.53 28.17 15.54
CA HIS D 329 2.90 29.39 14.83
C HIS D 329 1.76 30.38 14.87
N PHE D 330 2.12 31.65 14.91
CA PHE D 330 1.15 32.74 14.95
C PHE D 330 1.08 33.32 13.56
N THR D 331 0.07 32.90 12.83
CA THR D 331 -0.11 33.23 11.42
C THR D 331 -1.31 34.14 11.24
N CYS D 332 -1.29 34.90 10.14
CA CYS D 332 -2.34 35.87 9.92
C CYS D 332 -2.93 35.71 8.54
N SER D 333 -3.76 36.67 8.13
CA SER D 333 -4.29 36.65 6.77
C SER D 333 -3.25 37.15 5.77
N VAL D 334 -2.32 37.97 6.21
CA VAL D 334 -1.36 38.61 5.33
C VAL D 334 0.08 38.23 5.67
N ASP D 335 0.27 37.11 6.36
CA ASP D 335 1.60 36.65 6.77
C ASP D 335 2.18 35.82 5.63
N THR D 336 3.10 36.41 4.88
CA THR D 336 3.59 35.83 3.64
C THR D 336 4.67 34.78 3.85
N GLU D 337 4.98 34.45 5.10
CA GLU D 337 6.07 33.52 5.39
C GLU D 337 5.57 32.10 5.61
N ASN D 338 4.29 31.82 5.35
CA ASN D 338 3.72 30.53 5.72
C ASN D 338 4.30 29.41 4.88
N ALA D 339 4.61 29.67 3.63
CA ALA D 339 5.26 28.66 2.80
C ALA D 339 6.61 28.28 3.40
N ARG D 340 7.45 29.28 3.66
CA ARG D 340 8.75 29.00 4.27
C ARG D 340 8.58 28.37 5.64
N ARG D 341 7.61 28.86 6.40
CA ARG D 341 7.40 28.37 7.76
C ARG D 341 7.13 26.88 7.79
N ILE D 342 6.57 26.33 6.71
CA ILE D 342 6.36 24.90 6.64
C ILE D 342 7.62 24.19 6.18
N PHE D 343 8.40 24.83 5.31
CA PHE D 343 9.62 24.20 4.83
C PHE D 343 10.55 23.87 5.99
N ASN D 344 10.79 24.87 6.83
CA ASN D 344 11.65 24.77 7.97
C ASN D 344 11.23 23.74 8.79
N ASP D 345 10.13 23.84 9.51
CA ASP D 345 9.47 22.80 10.29
C ASP D 345 9.34 21.54 9.66
N CYS D 346 8.81 21.55 8.50
CA CYS D 346 8.73 20.42 7.70
C CYS D 346 10.00 19.84 7.41
N LYS D 347 11.06 20.58 7.12
CA LYS D 347 12.35 19.97 6.92
C LYS D 347 12.76 19.43 8.16
N ASP D 348 12.63 20.05 9.28
CA ASP D 348 12.95 19.38 10.51
C ASP D 348 12.13 18.13 10.91
N ILE D 349 11.04 17.79 10.28
CA ILE D 349 10.38 16.59 10.62
C ILE D 349 11.09 15.54 9.94
N ILE D 350 11.45 15.68 8.70
CA ILE D 350 12.23 14.76 7.90
C ILE D 350 13.49 14.36 8.63
N LEU D 351 14.14 15.33 9.27
CA LEU D 351 15.37 15.05 10.00
C LEU D 351 15.12 14.12 11.19
N GLN D 352 14.00 14.29 11.88
CA GLN D 352 13.70 13.39 12.98
C GLN D 352 13.44 11.97 12.47
N MET D 353 12.70 11.86 11.37
CA MET D 353 12.47 10.55 10.81
C MET D 353 13.78 9.90 10.41
N ASN D 354 14.68 10.67 9.80
CA ASN D 354 15.97 10.12 9.39
C ASN D 354 16.77 9.67 10.59
N LEU D 355 16.82 10.48 11.65
CA LEU D 355 17.56 10.06 12.83
C LEU D 355 17.02 8.75 13.37
N ARG D 356 15.82 8.40 13.07
CA ARG D 356 15.44 7.19 13.71
C ARG D 356 15.64 6.10 12.80
N GLU D 357 15.36 6.29 11.57
CA GLU D 357 15.47 5.14 10.68
C GLU D 357 16.86 4.94 10.12
N TYR D 358 17.84 5.73 10.54
CA TYR D 358 19.23 5.44 10.30
C TYR D 358 19.92 4.86 11.53
N ASN D 359 19.15 4.34 12.48
CA ASN D 359 19.69 3.78 13.70
C ASN D 359 20.54 4.78 14.45
N LEU D 360 20.52 6.04 14.02
CA LEU D 360 21.39 7.07 14.58
C LEU D 360 20.86 7.69 15.85
N VAL D 361 19.58 7.49 16.15
CA VAL D 361 18.97 8.14 17.30
C VAL D 361 19.27 7.33 18.53
N GLU E 21 -46.72 16.96 21.58
CA GLU E 21 -47.00 17.51 20.26
C GLU E 21 -46.71 16.50 19.16
N LEU E 22 -45.50 16.54 18.63
CA LEU E 22 -45.06 15.68 17.54
C LEU E 22 -44.51 14.36 18.05
N ASP E 23 -44.42 14.19 19.37
CA ASP E 23 -43.75 13.03 19.95
C ASP E 23 -44.45 11.71 19.65
N GLN E 24 -45.68 11.73 19.15
CA GLN E 24 -46.35 10.47 18.83
C GLN E 24 -45.53 9.68 17.82
N LEU E 25 -44.97 10.37 16.81
CA LEU E 25 -44.18 9.71 15.78
C LEU E 25 -42.96 9.04 16.37
N ARG E 26 -42.23 9.77 17.20
CA ARG E 26 -41.02 9.24 17.81
C ARG E 26 -41.34 8.08 18.75
N GLN E 27 -42.41 8.20 19.53
CA GLN E 27 -42.78 7.12 20.43
C GLN E 27 -43.16 5.85 19.67
N GLU E 28 -43.96 5.99 18.61
CA GLU E 28 -44.36 4.80 17.87
C GLU E 28 -43.21 4.23 17.06
N ALA E 29 -42.25 5.06 16.65
CA ALA E 29 -41.05 4.53 16.02
C ALA E 29 -40.25 3.70 17.00
N GLU E 30 -40.01 4.24 18.20
CA GLU E 30 -39.29 3.46 19.19
C GLU E 30 -40.07 2.20 19.56
N GLN E 31 -41.39 2.24 19.43
CA GLN E 31 -42.18 1.02 19.66
C GLN E 31 -42.02 0.02 18.53
N LEU E 32 -42.00 0.49 17.27
CA LEU E 32 -41.68 -0.41 16.18
C LEU E 32 -40.33 -1.08 16.40
N LYS E 33 -39.36 -0.33 16.91
CA LYS E 33 -38.08 -0.95 17.22
C LYS E 33 -38.19 -1.95 18.37
N ASN E 34 -38.95 -1.59 19.41
CA ASN E 34 -39.12 -2.49 20.55
C ASN E 34 -39.85 -3.76 20.16
N GLN E 35 -40.67 -3.71 19.12
CA GLN E 35 -41.30 -4.93 18.65
C GLN E 35 -40.44 -5.68 17.65
N ILE E 36 -39.61 -4.97 16.87
CA ILE E 36 -38.68 -5.67 15.99
C ILE E 36 -37.73 -6.52 16.80
N ARG E 37 -37.24 -5.99 17.92
CA ARG E 37 -36.32 -6.77 18.74
C ARG E 37 -36.97 -8.06 19.23
N ASP E 38 -38.23 -8.01 19.67
CA ASP E 38 -38.86 -9.22 20.20
C ASP E 38 -39.25 -10.18 19.09
N ALA E 39 -39.61 -9.64 17.91
CA ALA E 39 -39.84 -10.50 16.75
C ALA E 39 -38.57 -11.26 16.40
N ARG E 40 -37.42 -10.58 16.45
CA ARG E 40 -36.16 -11.27 16.21
C ARG E 40 -35.88 -12.28 17.31
N LYS E 41 -36.17 -11.92 18.56
CA LYS E 41 -35.91 -12.82 19.68
C LYS E 41 -36.70 -14.11 19.55
N ALA E 42 -37.94 -14.02 19.09
CA ALA E 42 -38.79 -15.20 18.99
C ALA E 42 -38.35 -16.16 17.91
N CYS E 43 -37.16 -16.03 17.31
CA CYS E 43 -36.77 -16.89 16.23
C CYS E 43 -35.57 -17.79 16.52
N ALA E 44 -34.67 -17.40 17.42
CA ALA E 44 -33.45 -18.17 17.66
C ALA E 44 -33.78 -19.35 18.56
N ASP E 45 -34.21 -20.45 17.96
CA ASP E 45 -34.49 -21.65 18.76
C ASP E 45 -33.22 -22.36 19.18
N ALA E 46 -32.08 -22.02 18.58
CA ALA E 46 -30.78 -22.51 19.01
C ALA E 46 -29.73 -21.55 18.48
N THR E 47 -28.54 -21.58 19.08
CA THR E 47 -27.45 -20.72 18.66
C THR E 47 -26.57 -21.44 17.64
N LEU E 48 -25.89 -20.64 16.81
CA LEU E 48 -25.10 -21.23 15.74
C LEU E 48 -23.92 -22.01 16.29
N SER E 49 -23.49 -21.70 17.52
CA SER E 49 -22.55 -22.58 18.19
C SER E 49 -23.17 -23.95 18.44
N GLN E 50 -24.43 -23.99 18.88
CA GLN E 50 -25.06 -25.25 19.26
C GLN E 50 -25.22 -26.19 18.07
N ILE E 51 -25.68 -25.66 16.93
CA ILE E 51 -25.83 -26.47 15.74
C ILE E 51 -24.48 -26.90 15.19
N THR E 52 -23.40 -26.19 15.54
CA THR E 52 -22.04 -26.61 15.21
C THR E 52 -21.28 -27.07 16.44
N ASN E 53 -21.97 -27.27 17.56
CA ASN E 53 -21.34 -27.80 18.76
C ASN E 53 -20.81 -29.21 18.51
N ASN E 54 -21.51 -29.99 17.69
CA ASN E 54 -21.15 -31.37 17.45
C ASN E 54 -20.26 -31.58 16.24
N ILE E 55 -19.86 -30.49 15.57
CA ILE E 55 -19.18 -30.64 14.28
C ILE E 55 -17.67 -30.71 14.48
N ASP E 56 -17.00 -31.31 13.51
CA ASP E 56 -15.55 -31.44 13.53
C ASP E 56 -14.88 -30.07 13.37
N PRO E 57 -13.96 -29.70 14.24
CA PRO E 57 -13.21 -28.46 14.04
C PRO E 57 -12.38 -28.54 12.77
N VAL E 58 -11.92 -27.38 12.30
CA VAL E 58 -11.23 -27.31 11.03
C VAL E 58 -9.75 -27.65 11.15
N GLY E 59 -9.18 -27.55 12.34
CA GLY E 59 -7.78 -27.86 12.53
C GLY E 59 -6.92 -26.65 12.80
N ARG E 60 -5.80 -26.55 12.11
CA ARG E 60 -4.95 -25.36 12.11
C ARG E 60 -4.53 -25.07 10.67
N ILE E 61 -4.62 -23.81 10.28
CA ILE E 61 -4.42 -23.40 8.90
C ILE E 61 -3.11 -22.64 8.78
N GLN E 62 -2.23 -23.14 7.93
CA GLN E 62 -0.91 -22.56 7.70
C GLN E 62 -0.85 -22.14 6.25
N MET E 63 -0.50 -20.89 6.00
CA MET E 63 -0.52 -20.38 4.64
C MET E 63 0.76 -19.59 4.41
N ARG E 64 1.37 -19.77 3.25
CA ARG E 64 2.65 -19.14 2.97
C ARG E 64 2.53 -18.32 1.69
N THR E 65 3.19 -17.18 1.68
CA THR E 65 3.08 -16.26 0.57
C THR E 65 3.81 -16.87 -0.62
N ARG E 66 3.05 -17.59 -1.46
CA ARG E 66 3.66 -18.16 -2.65
C ARG E 66 4.29 -17.07 -3.50
N ARG E 67 3.53 -16.03 -3.80
CA ARG E 67 4.08 -14.89 -4.51
C ARG E 67 4.03 -13.69 -3.59
N THR E 68 4.70 -12.62 -3.99
CA THR E 68 4.66 -11.38 -3.21
C THR E 68 4.67 -10.24 -4.21
N LEU E 69 3.49 -9.83 -4.63
CA LEU E 69 3.37 -8.88 -5.72
C LEU E 69 3.82 -7.53 -5.19
N ARG E 70 5.14 -7.39 -5.03
CA ARG E 70 5.70 -6.12 -4.62
C ARG E 70 5.92 -5.24 -5.83
N GLY E 71 5.84 -3.94 -5.62
CA GLY E 71 5.93 -3.01 -6.72
C GLY E 71 5.07 -1.78 -6.50
N HIS E 72 4.21 -1.82 -5.49
CA HIS E 72 3.46 -0.63 -5.10
C HIS E 72 4.32 0.28 -4.24
N LEU E 73 4.15 1.58 -4.44
CA LEU E 73 4.97 2.53 -3.70
C LEU E 73 4.43 2.75 -2.29
N ALA E 74 3.24 3.32 -2.21
CA ALA E 74 2.65 3.66 -0.93
C ALA E 74 1.72 2.54 -0.48
N LYS E 75 0.91 2.80 0.54
CA LYS E 75 0.08 1.75 1.09
C LYS E 75 -0.97 1.32 0.08
N ILE E 76 -1.65 0.22 0.41
CA ILE E 76 -2.64 -0.40 -0.46
C ILE E 76 -3.97 -0.44 0.25
N TYR E 77 -5.01 0.10 -0.37
CA TYR E 77 -6.37 -0.12 0.07
C TYR E 77 -7.12 -1.19 -0.69
N ALA E 78 -6.88 -1.36 -1.96
CA ALA E 78 -7.87 -2.03 -2.77
C ALA E 78 -7.24 -3.13 -3.59
N MET E 79 -8.01 -4.19 -3.76
CA MET E 79 -7.51 -5.42 -4.36
C MET E 79 -8.69 -6.28 -4.72
N HIS E 80 -8.93 -6.47 -6.01
CA HIS E 80 -10.00 -7.33 -6.46
C HIS E 80 -9.40 -8.31 -7.45
N TRP E 81 -9.68 -9.59 -7.26
CA TRP E 81 -9.30 -10.54 -8.28
C TRP E 81 -10.14 -10.34 -9.53
N GLY E 82 -9.54 -10.59 -10.66
CA GLY E 82 -10.34 -10.82 -11.84
C GLY E 82 -11.07 -12.11 -11.70
N THR E 83 -12.14 -12.26 -12.47
CA THR E 83 -12.96 -13.45 -12.31
C THR E 83 -12.37 -14.70 -12.95
N ASP E 84 -11.09 -14.68 -13.30
CA ASP E 84 -10.40 -15.87 -13.74
C ASP E 84 -9.52 -16.48 -12.67
N SER E 85 -9.59 -15.97 -11.45
CA SER E 85 -8.75 -16.41 -10.34
C SER E 85 -7.27 -16.30 -10.65
N ARG E 86 -6.93 -15.51 -11.62
CA ARG E 86 -5.54 -15.32 -11.97
C ARG E 86 -5.13 -13.86 -12.03
N LEU E 87 -5.98 -12.99 -12.54
CA LEU E 87 -5.65 -11.58 -12.70
C LEU E 87 -6.00 -10.84 -11.43
N LEU E 88 -5.21 -9.81 -11.11
CA LEU E 88 -5.35 -9.11 -9.85
C LEU E 88 -5.09 -7.64 -10.07
N VAL E 89 -6.02 -6.80 -9.61
CA VAL E 89 -5.87 -5.35 -9.66
C VAL E 89 -5.69 -4.87 -8.24
N SER E 90 -4.77 -3.93 -8.04
CA SER E 90 -4.60 -3.37 -6.72
C SER E 90 -4.48 -1.86 -6.82
N ALA E 91 -5.09 -1.17 -5.88
CA ALA E 91 -5.07 0.28 -5.85
C ALA E 91 -4.19 0.74 -4.71
N SER E 92 -3.34 1.71 -4.99
CA SER E 92 -2.41 2.19 -4.00
C SER E 92 -2.59 3.69 -3.82
N GLN E 93 -2.18 4.18 -2.67
CA GLN E 93 -2.41 5.56 -2.32
C GLN E 93 -1.46 6.51 -3.02
N ASP E 94 -0.50 6.01 -3.78
CA ASP E 94 0.20 6.89 -4.71
C ASP E 94 -0.56 7.05 -6.01
N GLY E 95 -1.62 6.28 -6.21
CA GLY E 95 -2.42 6.42 -7.41
C GLY E 95 -2.00 5.51 -8.52
N LYS E 96 -1.93 4.21 -8.24
CA LYS E 96 -1.62 3.21 -9.25
C LYS E 96 -2.63 2.09 -9.15
N LEU E 97 -3.23 1.71 -10.27
CA LEU E 97 -3.84 0.40 -10.43
C LEU E 97 -2.86 -0.45 -11.20
N ILE E 98 -2.27 -1.42 -10.55
CA ILE E 98 -1.34 -2.33 -11.19
C ILE E 98 -2.05 -3.66 -11.33
N ILE E 99 -2.16 -4.15 -12.56
CA ILE E 99 -2.87 -5.39 -12.83
C ILE E 99 -1.84 -6.50 -12.93
N TRP E 100 -1.88 -7.42 -12.00
CA TRP E 100 -0.80 -8.39 -11.86
C TRP E 100 -1.16 -9.68 -12.56
N ASP E 101 -0.13 -10.41 -12.97
CA ASP E 101 -0.35 -11.74 -13.51
C ASP E 101 -0.65 -12.74 -12.40
N SER E 102 -0.02 -12.60 -11.25
CA SER E 102 -0.34 -13.39 -10.07
C SER E 102 -0.07 -14.88 -10.20
N TYR E 103 0.41 -15.35 -11.34
CA TYR E 103 1.08 -16.64 -11.37
C TYR E 103 2.57 -16.46 -11.50
N THR E 104 2.98 -15.74 -12.53
CA THR E 104 4.22 -15.00 -12.47
C THR E 104 4.00 -13.81 -11.56
N THR E 105 5.00 -12.96 -11.41
CA THR E 105 4.79 -11.68 -10.76
C THR E 105 4.57 -10.58 -11.78
N ASN E 106 4.33 -10.93 -13.03
CA ASN E 106 4.34 -9.95 -14.09
C ASN E 106 3.26 -8.92 -13.87
N LYS E 107 3.54 -7.69 -14.30
CA LYS E 107 2.61 -6.59 -14.17
C LYS E 107 1.91 -6.40 -15.49
N VAL E 108 0.68 -6.91 -15.58
CA VAL E 108 -0.03 -6.92 -16.86
C VAL E 108 -0.24 -5.50 -17.37
N HIS E 109 -0.75 -4.61 -16.51
CA HIS E 109 -0.93 -3.21 -16.83
C HIS E 109 -0.56 -2.39 -15.61
N ALA E 110 -0.32 -1.11 -15.82
CA ALA E 110 -0.16 -0.16 -14.71
C ALA E 110 -0.88 1.11 -15.12
N ILE E 111 -1.93 1.46 -14.40
CA ILE E 111 -2.75 2.62 -14.74
C ILE E 111 -2.33 3.78 -13.84
N PRO E 112 -1.95 4.91 -14.39
CA PRO E 112 -1.76 6.11 -13.58
C PRO E 112 -3.10 6.74 -13.26
N LEU E 113 -3.50 6.66 -12.00
CA LEU E 113 -4.76 7.25 -11.57
C LEU E 113 -4.66 8.77 -11.55
N ARG E 114 -5.81 9.41 -11.42
CA ARG E 114 -5.83 10.86 -11.29
C ARG E 114 -5.82 11.29 -9.83
N SER E 115 -6.83 10.90 -9.08
CA SER E 115 -6.87 11.18 -7.65
C SER E 115 -6.18 10.02 -6.95
N SER E 116 -5.03 10.28 -6.41
CA SER E 116 -4.20 9.28 -5.78
C SER E 116 -4.77 8.79 -4.50
N TRP E 117 -6.02 9.07 -4.18
CA TRP E 117 -6.61 8.69 -2.89
C TRP E 117 -7.61 7.56 -3.05
N VAL E 118 -7.29 6.61 -3.92
CA VAL E 118 -8.21 5.52 -4.20
C VAL E 118 -8.39 4.66 -2.95
N MET E 119 -9.64 4.37 -2.63
CA MET E 119 -9.95 3.48 -1.53
C MET E 119 -10.46 2.13 -1.98
N THR E 120 -11.06 2.05 -3.16
CA THR E 120 -11.59 0.80 -3.65
C THR E 120 -11.07 0.55 -5.05
N CYS E 121 -11.41 -0.61 -5.58
CA CYS E 121 -11.05 -0.97 -6.94
C CYS E 121 -11.99 -2.07 -7.36
N ALA E 122 -12.11 -2.28 -8.65
CA ALA E 122 -12.98 -3.32 -9.15
C ALA E 122 -12.34 -4.02 -10.33
N TYR E 123 -13.07 -4.98 -10.86
CA TYR E 123 -12.64 -5.75 -12.03
C TYR E 123 -13.88 -6.39 -12.60
N ALA E 124 -14.35 -5.90 -13.74
CA ALA E 124 -15.61 -6.38 -14.28
C ALA E 124 -15.54 -7.89 -14.46
N PRO E 125 -16.61 -8.62 -14.16
CA PRO E 125 -16.52 -10.09 -14.21
C PRO E 125 -16.11 -10.63 -15.57
N SER E 126 -16.42 -9.92 -16.64
CA SER E 126 -15.80 -10.24 -17.92
C SER E 126 -14.30 -10.06 -17.83
N GLY E 127 -13.86 -8.98 -17.21
CA GLY E 127 -12.45 -8.63 -17.17
C GLY E 127 -12.07 -7.45 -18.02
N ASN E 128 -12.98 -6.93 -18.83
CA ASN E 128 -12.63 -5.88 -19.76
C ASN E 128 -12.44 -4.52 -19.09
N TYR E 129 -12.85 -4.36 -17.84
CA TYR E 129 -12.84 -3.04 -17.22
C TYR E 129 -12.32 -3.13 -15.80
N VAL E 130 -11.70 -2.05 -15.34
CA VAL E 130 -11.46 -1.84 -13.93
C VAL E 130 -12.02 -0.49 -13.55
N ALA E 131 -12.61 -0.42 -12.38
CA ALA E 131 -13.09 0.83 -11.81
C ALA E 131 -12.45 1.03 -10.45
N CYS E 132 -11.88 2.22 -10.24
CA CYS E 132 -11.09 2.48 -9.05
C CYS E 132 -11.80 3.34 -8.03
N GLY E 133 -12.39 4.46 -8.44
CA GLY E 133 -13.02 5.30 -7.43
C GLY E 133 -12.00 5.92 -6.50
N GLY E 134 -12.43 6.22 -5.28
CA GLY E 134 -11.52 6.78 -4.31
C GLY E 134 -12.13 7.80 -3.39
N LEU E 135 -11.31 8.77 -2.96
CA LEU E 135 -11.75 9.82 -2.06
C LEU E 135 -12.14 11.09 -2.80
N ASP E 136 -12.02 11.11 -4.12
CA ASP E 136 -12.42 12.25 -4.93
C ASP E 136 -13.91 12.22 -5.27
N ASN E 137 -14.66 11.30 -4.66
CA ASN E 137 -16.09 11.14 -4.88
C ASN E 137 -16.43 10.68 -6.28
N ILE E 138 -15.47 10.20 -7.06
CA ILE E 138 -15.68 9.91 -8.46
C ILE E 138 -15.29 8.47 -8.73
N CYS E 139 -16.18 7.72 -9.36
CA CYS E 139 -15.93 6.33 -9.72
C CYS E 139 -15.50 6.29 -11.17
N SER E 140 -14.21 6.04 -11.40
CA SER E 140 -13.62 6.09 -12.72
C SER E 140 -13.61 4.70 -13.33
N ILE E 141 -13.93 4.59 -14.61
CA ILE E 141 -14.02 3.32 -15.31
C ILE E 141 -12.91 3.26 -16.35
N TYR E 142 -11.81 2.59 -16.01
CA TYR E 142 -10.70 2.38 -16.92
C TYR E 142 -10.99 1.14 -17.73
N ASN E 143 -10.52 1.12 -18.98
CA ASN E 143 -10.89 0.09 -19.95
C ASN E 143 -9.66 -0.68 -20.41
N LEU E 144 -9.61 -1.97 -20.11
CA LEU E 144 -8.42 -2.77 -20.43
C LEU E 144 -8.42 -3.27 -21.87
N LYS E 145 -9.34 -4.17 -22.19
CA LYS E 145 -9.24 -4.94 -23.42
C LYS E 145 -9.82 -4.15 -24.57
N THR E 146 -9.32 -2.94 -24.71
CA THR E 146 -9.65 -2.13 -25.87
C THR E 146 -9.00 -2.74 -27.11
N ARG E 147 -9.60 -2.46 -28.27
CA ARG E 147 -9.01 -2.89 -29.52
C ARG E 147 -7.65 -2.22 -29.71
N GLU E 148 -7.40 -1.17 -28.95
CA GLU E 148 -6.14 -0.46 -28.89
C GLU E 148 -5.28 -1.06 -27.77
N GLY E 149 -4.05 -0.56 -27.62
CA GLY E 149 -3.11 -1.14 -26.70
C GLY E 149 -3.26 -0.80 -25.24
N ASN E 150 -3.40 0.49 -24.92
CA ASN E 150 -3.30 0.93 -23.54
C ASN E 150 -4.67 1.08 -22.90
N VAL E 151 -4.68 1.15 -21.58
CA VAL E 151 -5.89 1.41 -20.82
C VAL E 151 -6.19 2.90 -20.81
N ARG E 152 -7.47 3.25 -20.95
CA ARG E 152 -7.93 4.62 -20.83
C ARG E 152 -9.37 4.61 -20.33
N VAL E 153 -9.80 5.75 -19.79
CA VAL E 153 -11.08 5.81 -19.08
C VAL E 153 -12.24 5.62 -20.04
N SER E 154 -13.28 4.92 -19.58
CA SER E 154 -14.50 4.80 -20.34
C SER E 154 -15.49 5.88 -19.94
N ARG E 155 -15.80 5.96 -18.64
CA ARG E 155 -16.69 6.97 -18.11
C ARG E 155 -16.19 7.40 -16.75
N GLU E 156 -16.65 8.55 -16.29
CA GLU E 156 -16.41 8.99 -14.92
C GLU E 156 -17.75 9.28 -14.24
N LEU E 157 -18.00 8.58 -13.15
CA LEU E 157 -19.31 8.59 -12.51
C LEU E 157 -19.27 9.54 -11.31
N ALA E 158 -19.81 10.73 -11.50
CA ALA E 158 -19.71 11.80 -10.52
C ALA E 158 -21.12 12.22 -10.10
N GLY E 159 -21.64 11.57 -9.08
CA GLY E 159 -22.89 12.01 -8.47
C GLY E 159 -22.89 11.90 -6.96
N HIS E 160 -21.86 11.28 -6.40
CA HIS E 160 -21.74 11.16 -4.96
C HIS E 160 -21.18 12.45 -4.39
N THR E 161 -21.64 12.80 -3.20
CA THR E 161 -21.14 13.98 -2.51
C THR E 161 -20.17 13.62 -1.39
N GLY E 162 -19.65 12.40 -1.40
CA GLY E 162 -18.66 11.99 -0.41
C GLY E 162 -17.87 10.81 -0.94
N TYR E 163 -16.71 10.62 -0.34
CA TYR E 163 -15.74 9.65 -0.83
C TYR E 163 -16.39 8.29 -1.10
N LEU E 164 -15.84 7.56 -2.07
CA LEU E 164 -16.30 6.20 -2.33
C LEU E 164 -15.59 5.20 -1.45
N SER E 165 -16.35 4.40 -0.74
CA SER E 165 -15.79 3.34 0.08
C SER E 165 -15.55 2.07 -0.70
N CYS E 166 -16.42 1.76 -1.66
CA CYS E 166 -16.37 0.47 -2.32
C CYS E 166 -17.01 0.62 -3.69
N CYS E 167 -16.73 -0.32 -4.58
CA CYS E 167 -17.40 -0.33 -5.86
C CYS E 167 -17.36 -1.74 -6.41
N ARG E 168 -18.46 -2.17 -7.00
CA ARG E 168 -18.59 -3.52 -7.51
C ARG E 168 -19.25 -3.44 -8.88
N PHE E 169 -18.88 -4.35 -9.76
CA PHE E 169 -19.47 -4.41 -11.10
C PHE E 169 -20.59 -5.44 -11.10
N LEU E 170 -21.80 -5.00 -11.47
CA LEU E 170 -22.86 -5.96 -11.73
C LEU E 170 -22.54 -6.77 -12.97
N ASP E 171 -22.03 -6.09 -13.99
CA ASP E 171 -21.68 -6.65 -15.28
C ASP E 171 -20.80 -5.63 -15.97
N ASP E 172 -20.65 -5.76 -17.28
CA ASP E 172 -19.97 -4.71 -18.03
C ASP E 172 -20.78 -3.42 -18.07
N ASN E 173 -22.03 -3.45 -17.62
CA ASN E 173 -22.93 -2.31 -17.79
C ASN E 173 -23.31 -1.60 -16.51
N GLN E 174 -23.38 -2.30 -15.39
CA GLN E 174 -23.86 -1.72 -14.14
C GLN E 174 -22.77 -1.81 -13.09
N ILE E 175 -22.53 -0.72 -12.39
CA ILE E 175 -21.58 -0.70 -11.28
C ILE E 175 -22.29 -0.13 -10.06
N VAL E 176 -21.97 -0.66 -8.89
CA VAL E 176 -22.59 -0.24 -7.64
C VAL E 176 -21.53 0.33 -6.72
N THR E 177 -21.72 1.58 -6.32
CA THR E 177 -20.75 2.31 -5.52
C THR E 177 -21.30 2.54 -4.12
N SER E 178 -20.42 2.48 -3.14
CA SER E 178 -20.75 2.80 -1.76
C SER E 178 -19.97 4.05 -1.36
N SER E 179 -20.68 5.07 -0.93
CA SER E 179 -20.03 6.35 -0.69
C SER E 179 -20.07 6.71 0.78
N GLY E 180 -19.43 7.82 1.08
CA GLY E 180 -19.45 8.38 2.40
C GLY E 180 -20.64 9.28 2.69
N ASP E 181 -21.58 9.35 1.76
CA ASP E 181 -22.80 10.13 1.93
C ASP E 181 -23.90 9.37 2.62
N THR E 182 -23.59 8.26 3.27
CA THR E 182 -24.59 7.34 3.81
C THR E 182 -25.47 6.77 2.70
N THR E 183 -24.94 6.70 1.48
CA THR E 183 -25.70 6.28 0.31
C THR E 183 -24.92 5.27 -0.50
N CYS E 184 -25.64 4.30 -1.04
CA CYS E 184 -25.14 3.41 -2.08
C CYS E 184 -25.88 3.73 -3.36
N ALA E 185 -25.25 3.50 -4.50
CA ALA E 185 -25.78 3.93 -5.78
C ALA E 185 -25.59 2.85 -6.83
N LEU E 186 -26.37 2.95 -7.90
CA LEU E 186 -26.30 2.07 -9.04
C LEU E 186 -26.13 2.89 -10.31
N TRP E 187 -25.26 2.44 -11.20
CA TRP E 187 -24.90 3.27 -12.34
C TRP E 187 -25.05 2.50 -13.65
N ASP E 188 -25.19 3.26 -14.73
CA ASP E 188 -25.17 2.73 -16.09
C ASP E 188 -24.00 3.39 -16.80
N ILE E 189 -23.01 2.59 -17.22
CA ILE E 189 -21.72 3.16 -17.56
C ILE E 189 -21.84 4.10 -18.77
N GLU E 190 -22.41 3.60 -19.86
CA GLU E 190 -22.48 4.43 -21.07
C GLU E 190 -23.36 5.65 -20.86
N THR E 191 -24.44 5.51 -20.12
CA THR E 191 -25.24 6.67 -19.79
C THR E 191 -24.58 7.50 -18.69
N GLY E 192 -23.65 6.89 -17.97
CA GLY E 192 -22.85 7.61 -17.00
C GLY E 192 -23.67 8.32 -15.94
N GLN E 193 -24.75 7.68 -15.48
CA GLN E 193 -25.66 8.33 -14.57
C GLN E 193 -26.33 7.28 -13.69
N GLN E 194 -26.83 7.71 -12.56
CA GLN E 194 -27.43 6.79 -11.61
C GLN E 194 -28.72 6.21 -12.16
N THR E 195 -28.94 4.93 -11.88
CA THR E 195 -30.25 4.34 -12.09
C THR E 195 -31.05 4.37 -10.80
N THR E 196 -30.40 4.13 -9.67
CA THR E 196 -31.07 3.99 -8.39
C THR E 196 -30.15 4.46 -7.28
N THR E 197 -30.74 4.98 -6.22
CA THR E 197 -30.01 5.42 -5.05
C THR E 197 -30.58 4.76 -3.81
N PHE E 198 -29.69 4.21 -2.98
CA PHE E 198 -30.05 3.49 -1.77
C PHE E 198 -29.71 4.39 -0.59
N THR E 199 -30.74 4.82 0.16
CA THR E 199 -30.61 5.94 1.09
C THR E 199 -31.24 5.63 2.43
N GLY E 200 -30.80 4.56 3.07
CA GLY E 200 -31.30 4.31 4.41
C GLY E 200 -30.32 4.64 5.51
N HIS E 201 -29.05 4.34 5.29
CA HIS E 201 -28.03 4.38 6.34
C HIS E 201 -27.96 5.76 7.00
N THR E 202 -27.33 5.78 8.18
CA THR E 202 -27.16 7.03 8.93
C THR E 202 -25.70 7.45 9.10
N GLY E 203 -24.78 6.49 9.19
CA GLY E 203 -23.37 6.78 9.09
C GLY E 203 -22.86 6.41 7.72
N ASP E 204 -21.66 6.86 7.38
CA ASP E 204 -21.16 6.63 6.03
C ASP E 204 -20.82 5.17 5.78
N VAL E 205 -21.20 4.69 4.59
CA VAL E 205 -21.09 3.29 4.21
C VAL E 205 -19.64 2.98 3.84
N MET E 206 -19.10 1.88 4.37
CA MET E 206 -17.69 1.61 4.21
C MET E 206 -17.35 0.39 3.36
N SER E 207 -18.28 -0.52 3.08
CA SER E 207 -17.92 -1.64 2.23
C SER E 207 -19.17 -2.25 1.63
N LEU E 208 -19.02 -2.77 0.42
CA LEU E 208 -20.15 -3.24 -0.36
C LEU E 208 -19.86 -4.62 -0.91
N SER E 209 -20.91 -5.40 -1.13
CA SER E 209 -20.75 -6.78 -1.55
C SER E 209 -21.98 -7.20 -2.34
N LEU E 210 -21.82 -7.36 -3.64
CA LEU E 210 -22.93 -7.86 -4.44
C LEU E 210 -23.27 -9.28 -4.05
N ALA E 211 -24.52 -9.65 -4.28
CA ALA E 211 -24.94 -11.01 -4.00
C ALA E 211 -24.35 -11.95 -5.02
N PRO E 212 -24.29 -13.24 -4.71
CA PRO E 212 -23.76 -14.20 -5.69
C PRO E 212 -24.53 -14.22 -6.99
N ASP E 213 -25.82 -13.94 -6.96
CA ASP E 213 -26.59 -13.82 -8.20
C ASP E 213 -26.80 -12.39 -8.64
N THR E 214 -26.20 -11.43 -7.94
CA THR E 214 -26.26 -10.00 -8.25
C THR E 214 -27.68 -9.44 -8.25
N ARG E 215 -28.65 -10.16 -7.70
CA ARG E 215 -30.01 -9.61 -7.64
C ARG E 215 -30.15 -8.57 -6.54
N LEU E 216 -29.35 -8.66 -5.49
CA LEU E 216 -29.44 -7.78 -4.33
C LEU E 216 -28.06 -7.66 -3.74
N PHE E 217 -27.93 -6.98 -2.60
CA PHE E 217 -26.63 -6.86 -1.96
C PHE E 217 -26.81 -6.31 -0.56
N VAL E 218 -25.68 -6.10 0.12
CA VAL E 218 -25.68 -5.66 1.50
C VAL E 218 -24.58 -4.63 1.68
N SER E 219 -24.86 -3.60 2.47
CA SER E 219 -23.96 -2.47 2.68
C SER E 219 -23.70 -2.31 4.17
N GLY E 220 -22.43 -2.37 4.55
CA GLY E 220 -22.02 -2.16 5.93
C GLY E 220 -21.51 -0.74 6.09
N ALA E 221 -22.07 -0.05 7.08
CA ALA E 221 -21.90 1.38 7.19
C ALA E 221 -21.19 1.74 8.48
N CYS E 222 -21.18 3.03 8.79
CA CYS E 222 -20.70 3.53 10.08
C CYS E 222 -21.85 3.85 11.02
N ASP E 223 -22.91 3.05 10.98
CA ASP E 223 -24.00 3.16 11.93
C ASP E 223 -24.03 1.99 12.89
N ALA E 224 -23.06 1.09 12.78
CA ALA E 224 -23.05 -0.19 13.50
C ALA E 224 -24.20 -1.08 13.07
N SER E 225 -24.62 -0.97 11.81
CA SER E 225 -25.77 -1.72 11.35
C SER E 225 -25.74 -1.79 9.83
N ALA E 226 -25.51 -2.97 9.30
CA ALA E 226 -25.53 -3.17 7.86
C ALA E 226 -26.95 -3.44 7.41
N LYS E 227 -27.21 -3.22 6.13
CA LYS E 227 -28.54 -3.35 5.57
C LYS E 227 -28.50 -4.00 4.20
N LEU E 228 -29.38 -4.97 4.00
CA LEU E 228 -29.55 -5.62 2.71
C LEU E 228 -30.31 -4.69 1.78
N TRP E 229 -29.90 -4.65 0.52
CA TRP E 229 -30.47 -3.76 -0.49
C TRP E 229 -30.88 -4.56 -1.71
N ASP E 230 -32.10 -4.35 -2.18
CA ASP E 230 -32.61 -5.03 -3.36
C ASP E 230 -32.43 -4.11 -4.56
N VAL E 231 -31.43 -4.38 -5.39
CA VAL E 231 -31.12 -3.48 -6.51
C VAL E 231 -31.99 -3.91 -7.68
N ARG E 232 -33.25 -3.55 -7.61
CA ARG E 232 -34.12 -3.46 -8.76
C ARG E 232 -34.97 -2.20 -8.70
N GLU E 233 -35.28 -1.72 -7.50
CA GLU E 233 -36.07 -0.51 -7.30
C GLU E 233 -35.39 0.45 -6.32
N GLY E 234 -34.70 -0.08 -5.32
CA GLY E 234 -33.93 0.77 -4.43
C GLY E 234 -34.44 0.85 -3.00
N MET E 235 -35.06 -0.21 -2.51
CA MET E 235 -35.60 -0.23 -1.17
C MET E 235 -34.71 -1.10 -0.29
N CYS E 236 -34.44 -0.63 0.93
CA CYS E 236 -33.69 -1.44 1.88
C CYS E 236 -34.56 -2.59 2.36
N ARG E 237 -34.18 -3.80 1.97
CA ARG E 237 -35.02 -4.97 2.20
C ARG E 237 -35.12 -5.29 3.69
N GLN E 238 -34.03 -5.16 4.42
CA GLN E 238 -34.01 -5.46 5.84
C GLN E 238 -32.82 -4.75 6.47
N THR E 239 -32.74 -4.82 7.80
CA THR E 239 -31.75 -4.05 8.57
C THR E 239 -31.32 -4.82 9.80
N PHE E 240 -30.10 -5.34 9.79
CA PHE E 240 -29.52 -5.95 10.99
C PHE E 240 -28.80 -4.90 11.81
N THR E 241 -28.88 -5.04 13.13
CA THR E 241 -28.31 -4.04 14.03
C THR E 241 -27.71 -4.79 15.22
N GLY E 242 -26.44 -5.13 15.13
CA GLY E 242 -25.83 -5.80 16.26
C GLY E 242 -24.46 -5.32 16.72
N HIS E 243 -23.79 -4.49 15.93
CA HIS E 243 -22.41 -4.18 16.27
C HIS E 243 -22.33 -3.00 17.22
N GLU E 244 -21.24 -2.98 18.00
CA GLU E 244 -21.05 -1.89 18.96
C GLU E 244 -20.52 -0.62 18.30
N SER E 245 -19.64 -0.76 17.33
CA SER E 245 -19.10 0.39 16.65
C SER E 245 -19.35 0.26 15.16
N ASP E 246 -18.72 1.14 14.39
CA ASP E 246 -19.00 1.17 12.96
C ASP E 246 -18.37 -0.01 12.22
N ILE E 247 -19.02 -0.39 11.12
CA ILE E 247 -18.70 -1.60 10.38
C ILE E 247 -17.74 -1.27 9.26
N ASN E 248 -16.66 -2.05 9.15
CA ASN E 248 -15.62 -1.79 8.19
C ASN E 248 -15.68 -2.65 6.94
N ALA E 249 -16.26 -3.84 7.01
CA ALA E 249 -16.21 -4.70 5.83
C ALA E 249 -17.41 -5.61 5.79
N ILE E 250 -17.86 -5.91 4.58
CA ILE E 250 -18.92 -6.89 4.33
C ILE E 250 -18.45 -7.83 3.24
N CYS E 251 -19.06 -9.00 3.18
CA CYS E 251 -18.79 -9.98 2.14
C CYS E 251 -19.89 -11.02 2.21
N PHE E 252 -20.54 -11.29 1.09
CA PHE E 252 -21.56 -12.31 1.07
C PHE E 252 -20.98 -13.70 1.27
N PHE E 253 -21.65 -14.46 2.13
CA PHE E 253 -21.45 -15.90 2.15
C PHE E 253 -21.86 -16.47 0.79
N PRO E 254 -21.10 -17.42 0.25
CA PRO E 254 -21.30 -17.80 -1.15
C PRO E 254 -22.71 -18.28 -1.48
N ASN E 255 -23.45 -18.84 -0.52
CA ASN E 255 -24.82 -19.22 -0.82
C ASN E 255 -25.71 -18.01 -1.03
N GLY E 256 -25.26 -16.84 -0.57
CA GLY E 256 -26.05 -15.63 -0.66
C GLY E 256 -26.97 -15.39 0.50
N ASN E 257 -27.13 -16.36 1.39
CA ASN E 257 -28.08 -16.28 2.48
C ASN E 257 -27.42 -15.91 3.80
N ALA E 258 -26.34 -15.14 3.76
CA ALA E 258 -25.60 -14.69 4.93
C ALA E 258 -24.55 -13.67 4.49
N PHE E 259 -23.84 -13.12 5.46
CA PHE E 259 -22.75 -12.19 5.18
C PHE E 259 -22.02 -11.85 6.46
N ALA E 260 -20.82 -11.29 6.32
CA ALA E 260 -19.90 -11.14 7.42
C ALA E 260 -19.57 -9.67 7.66
N THR E 261 -19.67 -9.24 8.91
CA THR E 261 -19.37 -7.88 9.29
C THR E 261 -18.13 -7.86 10.16
N GLY E 262 -17.10 -7.18 9.71
CA GLY E 262 -15.95 -6.98 10.56
C GLY E 262 -15.89 -5.53 10.99
N SER E 263 -16.15 -5.24 12.26
CA SER E 263 -16.33 -3.87 12.69
C SER E 263 -15.09 -3.35 13.38
N ASP E 264 -15.09 -2.03 13.59
CA ASP E 264 -13.99 -1.32 14.23
C ASP E 264 -13.94 -1.55 15.72
N ASP E 265 -14.92 -2.25 16.28
CA ASP E 265 -14.86 -2.65 17.68
C ASP E 265 -14.21 -4.01 17.86
N ALA E 266 -13.36 -4.41 16.92
CA ALA E 266 -12.54 -5.62 17.03
C ALA E 266 -13.36 -6.89 17.00
N THR E 267 -14.51 -6.89 16.35
CA THR E 267 -15.31 -8.10 16.26
C THR E 267 -15.70 -8.37 14.82
N CYS E 268 -15.70 -9.64 14.46
CA CYS E 268 -16.42 -10.11 13.29
C CYS E 268 -17.73 -10.70 13.76
N ARG E 269 -18.76 -10.57 12.94
CA ARG E 269 -20.06 -11.12 13.22
C ARG E 269 -20.66 -11.66 11.94
N LEU E 270 -21.46 -12.70 12.06
CA LEU E 270 -22.15 -13.30 10.93
C LEU E 270 -23.64 -13.08 11.09
N PHE E 271 -24.24 -12.45 10.09
CA PHE E 271 -25.69 -12.33 10.01
C PHE E 271 -26.18 -13.21 8.88
N ASP E 272 -27.43 -13.63 8.95
CA ASP E 272 -28.08 -14.28 7.83
C ASP E 272 -29.43 -13.64 7.56
N LEU E 273 -29.73 -13.50 6.26
CA LEU E 273 -30.82 -12.61 5.84
C LEU E 273 -32.18 -13.13 6.24
N ARG E 274 -32.41 -14.43 6.11
CA ARG E 274 -33.75 -14.98 6.32
C ARG E 274 -34.08 -15.10 7.81
N ALA E 275 -33.10 -15.42 8.64
CA ALA E 275 -33.33 -15.38 10.08
C ALA E 275 -33.25 -13.98 10.65
N ASP E 276 -32.75 -13.02 9.87
CA ASP E 276 -32.92 -11.59 10.13
C ASP E 276 -32.29 -11.15 11.45
N GLN E 277 -31.21 -11.80 11.87
CA GLN E 277 -30.61 -11.44 13.14
C GLN E 277 -29.19 -11.97 13.22
N GLU E 278 -28.48 -11.53 14.25
CA GLU E 278 -27.14 -12.02 14.51
C GLU E 278 -27.15 -13.50 14.78
N LEU E 279 -26.18 -14.22 14.23
CA LEU E 279 -26.00 -15.62 14.56
C LEU E 279 -24.77 -15.87 15.43
N MET E 280 -23.58 -15.52 14.94
CA MET E 280 -22.41 -15.86 15.71
C MET E 280 -21.40 -14.76 15.56
N THR E 281 -20.70 -14.46 16.65
CA THR E 281 -19.69 -13.41 16.67
C THR E 281 -18.32 -14.05 16.87
N TYR E 282 -17.39 -13.71 15.99
CA TYR E 282 -16.03 -14.26 16.03
C TYR E 282 -15.20 -13.29 16.84
N SER E 283 -14.89 -13.66 18.07
CA SER E 283 -14.21 -12.73 18.96
C SER E 283 -13.12 -13.46 19.72
N HIS E 284 -12.27 -12.68 20.35
CA HIS E 284 -11.18 -13.17 21.18
C HIS E 284 -10.56 -11.97 21.89
N ASP E 285 -10.23 -12.16 23.16
CA ASP E 285 -9.95 -11.04 24.05
C ASP E 285 -8.74 -10.21 23.59
N ASN E 286 -7.75 -10.85 22.97
CA ASN E 286 -6.51 -10.16 22.69
C ASN E 286 -6.68 -9.09 21.62
N ILE E 287 -7.70 -9.22 20.78
CA ILE E 287 -7.81 -8.29 19.66
C ILE E 287 -8.44 -7.01 20.16
N ILE E 288 -7.68 -5.93 20.12
CA ILE E 288 -8.19 -4.60 20.41
C ILE E 288 -8.18 -3.70 19.19
N CYS E 289 -7.64 -4.17 18.08
CA CYS E 289 -7.73 -3.49 16.80
C CYS E 289 -8.98 -3.95 16.08
N GLY E 290 -9.55 -3.07 15.27
CA GLY E 290 -10.73 -3.42 14.54
C GLY E 290 -10.42 -4.17 13.27
N ILE E 291 -11.48 -4.55 12.57
CA ILE E 291 -11.33 -5.25 11.31
C ILE E 291 -11.16 -4.23 10.20
N THR E 292 -10.57 -4.64 9.10
CA THR E 292 -10.60 -3.83 7.90
C THR E 292 -11.25 -4.51 6.71
N SER E 293 -11.18 -5.83 6.63
CA SER E 293 -11.70 -6.56 5.48
C SER E 293 -11.95 -8.00 5.87
N VAL E 294 -13.01 -8.59 5.32
CA VAL E 294 -13.35 -9.98 5.55
C VAL E 294 -13.60 -10.65 4.21
N SER E 295 -13.54 -11.98 4.20
CA SER E 295 -13.89 -12.74 3.01
C SER E 295 -13.99 -14.20 3.37
N PHE E 296 -15.01 -14.86 2.84
CA PHE E 296 -15.08 -16.31 2.92
C PHE E 296 -14.30 -16.88 1.75
N SER E 297 -13.95 -18.16 1.82
CA SER E 297 -13.10 -18.69 0.76
C SER E 297 -13.89 -19.15 -0.46
N LYS E 298 -14.46 -20.34 -0.41
CA LYS E 298 -15.40 -20.73 -1.44
C LYS E 298 -16.55 -21.47 -0.79
N SER E 299 -16.23 -22.25 0.23
CA SER E 299 -17.18 -23.13 0.90
C SER E 299 -17.77 -22.50 2.13
N GLY E 300 -17.29 -21.35 2.55
CA GLY E 300 -17.81 -20.73 3.75
C GLY E 300 -17.53 -21.45 5.04
N ARG E 301 -16.68 -22.47 5.03
CA ARG E 301 -16.15 -23.04 6.26
C ARG E 301 -14.91 -22.31 6.70
N LEU E 302 -14.52 -21.26 6.00
CA LEU E 302 -13.34 -20.51 6.38
C LEU E 302 -13.65 -19.05 6.13
N LEU E 303 -13.48 -18.21 7.15
CA LEU E 303 -13.72 -16.77 7.04
C LEU E 303 -12.42 -16.03 7.31
N LEU E 304 -11.80 -15.51 6.26
CA LEU E 304 -10.58 -14.74 6.41
C LEU E 304 -10.97 -13.35 6.86
N ALA E 305 -10.44 -12.92 7.99
CA ALA E 305 -10.70 -11.58 8.51
C ALA E 305 -9.41 -10.80 8.53
N GLY E 306 -9.40 -9.65 7.87
CA GLY E 306 -8.20 -8.85 7.87
C GLY E 306 -8.18 -7.90 9.03
N TYR E 307 -7.08 -7.81 9.76
CA TYR E 307 -7.08 -7.00 10.96
C TYR E 307 -6.23 -5.77 10.80
N ASP E 308 -6.01 -5.09 11.89
CA ASP E 308 -5.51 -3.73 11.89
C ASP E 308 -4.19 -3.63 12.64
N ASP E 309 -3.84 -4.67 13.39
CA ASP E 309 -2.58 -4.74 14.13
C ASP E 309 -1.53 -5.49 13.35
N PHE E 310 -1.52 -5.29 12.03
CA PHE E 310 -0.51 -5.71 11.08
C PHE E 310 -0.64 -7.15 10.60
N ASN E 311 -1.67 -7.90 10.98
CA ASN E 311 -1.72 -9.27 10.50
C ASN E 311 -3.17 -9.75 10.47
N CYS E 312 -3.49 -10.54 9.45
CA CYS E 312 -4.82 -11.09 9.28
C CYS E 312 -5.07 -12.17 10.32
N ASN E 313 -6.31 -12.62 10.41
CA ASN E 313 -6.64 -13.86 11.09
C ASN E 313 -7.56 -14.67 10.21
N VAL E 314 -7.60 -15.96 10.46
CA VAL E 314 -8.41 -16.88 9.69
C VAL E 314 -9.38 -17.55 10.64
N TRP E 315 -10.66 -17.45 10.34
CA TRP E 315 -11.72 -17.84 11.26
C TRP E 315 -12.52 -18.99 10.68
N ASP E 316 -12.68 -20.05 11.46
CA ASP E 316 -13.64 -21.08 11.13
C ASP E 316 -15.02 -20.48 11.31
N ALA E 317 -15.64 -20.07 10.22
CA ALA E 317 -16.85 -19.25 10.30
C ALA E 317 -17.97 -19.97 11.04
N LEU E 318 -18.06 -21.29 10.88
CA LEU E 318 -19.14 -22.02 11.56
C LEU E 318 -18.92 -22.07 13.07
N LYS E 319 -17.83 -22.68 13.52
CA LYS E 319 -17.65 -22.92 14.93
C LYS E 319 -16.97 -21.76 15.64
N ALA E 320 -16.52 -20.76 14.88
CA ALA E 320 -16.19 -19.45 15.42
C ALA E 320 -14.87 -19.38 16.16
N ASP E 321 -14.23 -20.51 16.43
CA ASP E 321 -12.93 -20.46 17.07
C ASP E 321 -11.89 -20.08 16.03
N ARG E 322 -10.94 -19.25 16.43
CA ARG E 322 -9.87 -18.90 15.50
C ARG E 322 -9.12 -20.15 15.09
N ALA E 323 -8.78 -20.23 13.81
CA ALA E 323 -8.08 -21.39 13.28
C ALA E 323 -7.20 -20.90 12.15
N GLY E 324 -5.94 -20.65 12.46
CA GLY E 324 -5.06 -20.14 11.44
C GLY E 324 -4.87 -18.65 11.53
N VAL E 325 -3.63 -18.22 11.47
CA VAL E 325 -3.26 -16.81 11.50
C VAL E 325 -2.36 -16.55 10.30
N LEU E 326 -2.56 -15.40 9.67
CA LEU E 326 -1.61 -14.90 8.70
C LEU E 326 -0.85 -13.76 9.36
N ALA E 327 0.47 -13.82 9.30
CA ALA E 327 1.26 -12.74 9.90
C ALA E 327 2.52 -12.60 9.05
N GLY E 328 2.44 -11.73 8.06
CA GLY E 328 3.57 -11.53 7.19
C GLY E 328 3.65 -10.08 6.79
N HIS E 329 2.85 -9.24 7.41
CA HIS E 329 2.70 -7.85 7.00
C HIS E 329 3.29 -6.93 8.05
N ASP E 330 4.12 -5.99 7.62
CA ASP E 330 4.66 -5.02 8.55
C ASP E 330 3.54 -4.12 9.07
N ASN E 331 2.73 -3.58 8.18
CA ASN E 331 1.71 -2.61 8.52
C ASN E 331 0.34 -3.28 8.51
N ARG E 332 -0.71 -2.50 8.73
CA ARG E 332 -2.03 -3.09 8.84
C ARG E 332 -2.51 -3.60 7.49
N VAL E 333 -3.45 -4.52 7.55
CA VAL E 333 -4.03 -5.13 6.36
C VAL E 333 -5.26 -4.33 5.97
N SER E 334 -5.36 -3.94 4.71
CA SER E 334 -6.46 -3.12 4.27
C SER E 334 -7.37 -3.78 3.24
N CYS E 335 -6.86 -4.72 2.45
CA CYS E 335 -7.69 -5.42 1.49
C CYS E 335 -7.35 -6.90 1.52
N LEU E 336 -8.34 -7.72 1.21
CA LEU E 336 -8.24 -9.16 1.39
C LEU E 336 -9.32 -9.81 0.55
N GLY E 337 -8.92 -10.63 -0.42
CA GLY E 337 -9.89 -11.22 -1.32
C GLY E 337 -9.50 -12.60 -1.82
N VAL E 338 -10.38 -13.56 -1.63
CA VAL E 338 -10.12 -14.91 -2.11
C VAL E 338 -10.34 -14.89 -3.60
N THR E 339 -9.96 -15.97 -4.29
CA THR E 339 -10.28 -16.11 -5.69
C THR E 339 -11.64 -16.77 -5.86
N ASP E 340 -12.21 -16.61 -7.04
CA ASP E 340 -13.41 -17.37 -7.37
C ASP E 340 -13.11 -18.85 -7.40
N ASP E 341 -11.88 -19.22 -7.74
CA ASP E 341 -11.49 -20.62 -7.68
C ASP E 341 -11.23 -21.06 -6.24
N GLY E 342 -10.86 -20.13 -5.38
CA GLY E 342 -10.58 -20.48 -4.00
C GLY E 342 -9.19 -20.99 -3.76
N MET E 343 -8.28 -20.84 -4.72
CA MET E 343 -6.93 -21.35 -4.57
C MET E 343 -5.92 -20.24 -4.32
N ALA E 344 -6.35 -19.12 -3.76
CA ALA E 344 -5.44 -18.06 -3.37
C ALA E 344 -6.19 -17.03 -2.55
N VAL E 345 -5.47 -16.33 -1.69
CA VAL E 345 -5.99 -15.13 -1.05
C VAL E 345 -4.92 -14.07 -1.13
N ALA E 346 -5.24 -12.94 -1.73
CA ALA E 346 -4.32 -11.83 -1.73
C ALA E 346 -4.60 -11.02 -0.48
N THR E 347 -3.57 -10.43 0.09
CA THR E 347 -3.71 -9.54 1.23
C THR E 347 -2.84 -8.32 0.95
N GLY E 348 -3.41 -7.33 0.31
CA GLY E 348 -2.75 -6.05 0.29
C GLY E 348 -2.71 -5.47 1.68
N SER E 349 -1.83 -4.51 1.90
CA SER E 349 -1.64 -4.03 3.26
C SER E 349 -0.82 -2.76 3.24
N TRP E 350 -0.99 -1.96 4.28
CA TRP E 350 -0.36 -0.65 4.32
C TRP E 350 1.16 -0.70 4.30
N ASP E 351 1.77 -1.89 4.29
CA ASP E 351 3.20 -1.98 4.04
C ASP E 351 3.51 -1.96 2.56
N SER E 352 2.49 -1.86 1.72
CA SER E 352 2.59 -1.71 0.27
C SER E 352 2.93 -3.01 -0.43
N PHE E 353 2.78 -4.14 0.25
CA PHE E 353 3.04 -5.44 -0.33
C PHE E 353 1.74 -6.20 -0.47
N LEU E 354 1.46 -6.69 -1.65
CA LEU E 354 0.47 -7.75 -1.80
C LEU E 354 1.12 -9.07 -1.45
N LYS E 355 0.31 -10.03 -1.06
CA LYS E 355 0.83 -11.34 -0.75
C LYS E 355 -0.21 -12.36 -1.14
N ILE E 356 0.16 -13.31 -1.99
CA ILE E 356 -0.73 -14.38 -2.39
C ILE E 356 -0.43 -15.57 -1.51
N TRP E 357 -1.44 -16.10 -0.85
CA TRP E 357 -1.24 -17.21 0.07
C TRP E 357 -1.86 -18.47 -0.49
N ASN E 358 -1.45 -19.60 0.08
CA ASN E 358 -1.99 -20.91 -0.28
C ASN E 358 -1.79 -21.92 0.84
N GLN F 24 -28.46 -2.83 18.72
CA GLN F 24 -28.34 -1.40 18.39
C GLN F 24 -27.73 -0.63 19.52
N VAL F 25 -26.91 0.36 19.18
CA VAL F 25 -26.31 1.27 20.16
C VAL F 25 -27.39 2.23 20.61
N GLN F 26 -27.64 2.28 21.92
CA GLN F 26 -28.76 3.04 22.42
C GLN F 26 -28.36 3.77 23.70
N LEU F 27 -28.80 5.03 23.82
CA LEU F 27 -28.43 5.88 24.97
C LEU F 27 -29.64 6.71 25.39
N GLN F 28 -30.49 6.14 26.25
CA GLN F 28 -31.45 6.98 26.95
C GLN F 28 -30.78 7.73 28.08
N GLU F 29 -31.45 8.79 28.53
CA GLU F 29 -30.97 9.56 29.65
C GLU F 29 -32.17 10.20 30.34
N SER F 30 -31.97 10.62 31.58
CA SER F 30 -33.02 11.29 32.33
C SER F 30 -32.57 12.71 32.65
N GLY F 31 -33.29 13.39 33.52
CA GLY F 31 -32.91 14.72 33.92
C GLY F 31 -33.60 15.80 33.11
N GLY F 32 -33.19 17.04 33.38
CA GLY F 32 -33.74 18.18 32.68
C GLY F 32 -35.02 18.69 33.30
N GLY F 33 -35.07 19.96 33.63
CA GLY F 33 -36.24 20.50 34.29
C GLY F 33 -36.26 22.01 34.25
N LEU F 34 -37.06 22.59 35.15
CA LEU F 34 -37.27 24.03 35.23
C LEU F 34 -36.36 24.69 36.25
N VAL F 35 -35.21 24.07 36.55
CA VAL F 35 -34.42 24.48 37.70
C VAL F 35 -34.02 25.96 37.59
N GLN F 36 -34.08 26.66 38.72
CA GLN F 36 -33.81 28.10 38.75
C GLN F 36 -32.36 28.40 38.40
N PRO F 37 -32.07 29.65 37.96
CA PRO F 37 -30.71 29.98 37.54
C PRO F 37 -29.73 30.03 38.70
N GLY F 38 -29.25 28.86 39.10
CA GLY F 38 -28.43 28.70 40.28
C GLY F 38 -28.77 27.41 40.97
N GLY F 39 -29.71 26.66 40.38
CA GLY F 39 -30.18 25.42 40.95
C GLY F 39 -29.21 24.27 40.75
N SER F 40 -29.67 23.09 41.17
CA SER F 40 -28.87 21.87 41.14
C SER F 40 -29.68 20.77 40.47
N LEU F 41 -29.28 20.38 39.27
CA LEU F 41 -29.96 19.35 38.50
C LEU F 41 -28.94 18.33 38.02
N ARG F 42 -29.27 17.05 38.18
CA ARG F 42 -28.37 15.96 37.83
C ARG F 42 -28.92 15.21 36.64
N LEU F 43 -28.05 14.97 35.67
CA LEU F 43 -28.42 14.35 34.40
C LEU F 43 -27.89 12.93 34.32
N SER F 44 -28.78 11.97 34.48
CA SER F 44 -28.45 10.57 34.31
C SER F 44 -28.41 10.25 32.83
N CYS F 45 -27.70 9.18 32.49
CA CYS F 45 -27.64 8.74 31.10
C CYS F 45 -27.47 7.23 31.09
N ALA F 46 -28.41 6.54 30.46
CA ALA F 46 -28.44 5.09 30.47
C ALA F 46 -27.94 4.57 29.13
N ALA F 47 -26.88 3.76 29.16
CA ALA F 47 -26.36 3.14 27.97
C ALA F 47 -26.80 1.68 27.93
N SER F 48 -26.95 1.15 26.72
CA SER F 48 -27.23 -0.26 26.54
C SER F 48 -26.78 -0.68 25.16
N GLY F 49 -26.55 -1.97 24.99
CA GLY F 49 -26.26 -2.56 23.71
C GLY F 49 -24.78 -2.67 23.39
N PHE F 50 -23.95 -1.90 24.07
CA PHE F 50 -22.51 -1.93 23.86
C PHE F 50 -21.81 -1.99 25.20
N THR F 51 -20.66 -2.67 25.24
CA THR F 51 -19.96 -2.85 26.50
C THR F 51 -19.54 -1.49 27.03
N PHE F 52 -20.07 -1.12 28.19
CA PHE F 52 -20.08 0.27 28.60
C PHE F 52 -18.68 0.85 28.79
N SER F 53 -17.76 0.06 29.34
CA SER F 53 -16.55 0.62 29.95
C SER F 53 -15.43 0.96 28.97
N ASN F 54 -15.49 0.49 27.73
CA ASN F 54 -14.38 0.66 26.82
C ASN F 54 -14.45 1.97 26.05
N TYR F 55 -15.48 2.77 26.27
CA TYR F 55 -15.78 3.88 25.38
C TYR F 55 -15.68 5.19 26.12
N LYS F 56 -14.71 6.02 25.73
CA LYS F 56 -14.37 7.24 26.45
C LYS F 56 -15.39 8.32 26.11
N MET F 57 -16.49 8.30 26.84
CA MET F 57 -17.66 9.07 26.43
C MET F 57 -17.49 10.55 26.76
N ASN F 58 -18.49 11.34 26.38
CA ASN F 58 -18.43 12.79 26.45
C ASN F 58 -19.71 13.33 27.05
N TRP F 59 -19.79 14.66 27.11
CA TRP F 59 -21.05 15.38 27.33
C TRP F 59 -21.06 16.58 26.40
N VAL F 60 -22.07 16.65 25.55
CA VAL F 60 -22.19 17.71 24.56
C VAL F 60 -23.64 18.16 24.51
N ARG F 61 -23.86 19.35 23.96
CA ARG F 61 -25.10 20.05 24.17
C ARG F 61 -25.36 21.04 23.05
N GLN F 62 -26.65 21.27 22.78
CA GLN F 62 -27.10 22.14 21.69
C GLN F 62 -27.96 23.25 22.26
N ALA F 63 -27.44 24.42 22.28
CA ALA F 63 -28.26 25.51 22.75
C ALA F 63 -28.95 26.20 21.58
N PRO F 64 -30.10 26.82 21.83
CA PRO F 64 -30.83 27.48 20.75
C PRO F 64 -29.98 28.55 20.07
N GLY F 65 -30.15 28.68 18.77
CA GLY F 65 -29.50 29.70 17.99
C GLY F 65 -28.05 29.44 17.64
N LYS F 66 -27.52 28.27 17.98
CA LYS F 66 -26.10 28.00 17.81
C LYS F 66 -25.93 26.53 17.43
N GLY F 67 -24.67 26.10 17.31
CA GLY F 67 -24.33 24.73 17.00
C GLY F 67 -23.84 23.97 18.22
N LEU F 68 -23.60 22.68 18.01
CA LEU F 68 -23.20 21.79 19.09
C LEU F 68 -21.85 22.21 19.67
N GLU F 69 -21.68 21.98 20.97
CA GLU F 69 -20.43 22.22 21.67
C GLU F 69 -20.13 21.05 22.58
N TRP F 70 -19.09 21.19 23.39
CA TRP F 70 -18.54 20.08 24.13
C TRP F 70 -18.27 20.49 25.57
N VAL F 71 -18.39 19.52 26.48
CA VAL F 71 -18.27 19.81 27.90
C VAL F 71 -17.24 18.93 28.59
N SER F 72 -17.50 17.63 28.69
CA SER F 72 -16.70 16.75 29.53
C SER F 72 -16.25 15.51 28.79
N ASP F 73 -15.21 14.87 29.32
CA ASP F 73 -14.43 13.87 28.61
C ASP F 73 -14.09 12.71 29.53
N ILE F 74 -15.08 12.17 30.23
CA ILE F 74 -14.77 11.14 31.21
C ILE F 74 -14.20 9.90 30.52
N SER F 75 -13.10 9.40 31.06
CA SER F 75 -12.27 8.44 30.34
C SER F 75 -12.86 7.05 30.42
N GLN F 76 -12.06 6.03 30.07
CA GLN F 76 -12.54 4.66 30.10
C GLN F 76 -12.91 4.25 31.51
N SER F 77 -12.01 4.45 32.47
CA SER F 77 -12.18 3.96 33.82
C SER F 77 -12.66 5.01 34.80
N GLY F 78 -12.73 6.27 34.37
CA GLY F 78 -13.00 7.36 35.29
C GLY F 78 -11.71 8.04 35.70
N ALA F 79 -10.62 7.64 35.06
CA ALA F 79 -9.31 8.11 35.48
C ALA F 79 -9.12 9.58 35.15
N SER F 80 -9.41 9.99 33.93
CA SER F 80 -9.16 11.36 33.49
C SER F 80 -10.47 12.09 33.26
N ILE F 81 -10.46 13.40 33.53
CA ILE F 81 -11.61 14.27 33.32
C ILE F 81 -11.11 15.56 32.69
N SER F 82 -11.82 16.05 31.69
CA SER F 82 -11.53 17.37 31.16
C SER F 82 -12.82 18.18 31.16
N TYR F 83 -12.70 19.45 30.79
CA TYR F 83 -13.84 20.36 30.81
C TYR F 83 -13.65 21.43 29.78
N THR F 84 -14.76 22.04 29.37
CA THR F 84 -14.61 23.32 28.70
C THR F 84 -14.56 24.41 29.78
N GLY F 85 -13.95 25.53 29.42
CA GLY F 85 -13.68 26.54 30.43
C GLY F 85 -14.93 27.01 31.15
N SER F 86 -15.99 27.31 30.39
CA SER F 86 -17.17 27.92 30.97
C SER F 86 -17.83 27.04 32.01
N VAL F 87 -17.55 25.74 32.03
CA VAL F 87 -18.17 24.87 33.01
C VAL F 87 -17.15 24.29 33.98
N LYS F 88 -15.98 24.91 34.10
CA LYS F 88 -14.98 24.42 35.03
C LYS F 88 -15.39 24.74 36.46
N GLY F 89 -15.09 23.82 37.37
CA GLY F 89 -15.43 24.00 38.76
C GLY F 89 -16.90 23.91 39.09
N ARG F 90 -17.72 23.39 38.18
CA ARG F 90 -19.17 23.42 38.35
C ARG F 90 -19.82 22.05 38.18
N PHE F 91 -19.28 21.21 37.30
CA PHE F 91 -19.93 19.96 36.94
C PHE F 91 -19.02 18.78 37.27
N THR F 92 -19.63 17.69 37.74
CA THR F 92 -18.93 16.47 38.10
C THR F 92 -19.50 15.29 37.33
N ILE F 93 -18.61 14.45 36.83
CA ILE F 93 -18.95 13.40 35.88
C ILE F 93 -18.61 12.05 36.51
N SER F 94 -19.58 11.16 36.58
CA SER F 94 -19.36 9.82 37.08
C SER F 94 -19.94 8.83 36.07
N ARG F 95 -19.33 7.68 35.98
CA ARG F 95 -19.79 6.67 35.03
C ARG F 95 -19.63 5.31 35.69
N ASP F 96 -20.66 4.88 36.40
CA ASP F 96 -20.54 3.62 37.13
C ASP F 96 -20.86 2.48 36.18
N ASN F 97 -19.82 1.71 35.84
CA ASN F 97 -19.98 0.63 34.87
C ASN F 97 -20.95 -0.42 35.36
N ALA F 98 -21.17 -0.50 36.67
CA ALA F 98 -22.14 -1.46 37.19
C ALA F 98 -23.51 -1.22 36.60
N LYS F 99 -23.93 0.03 36.54
CA LYS F 99 -25.27 0.37 36.09
C LYS F 99 -25.34 0.69 34.59
N ASN F 100 -24.22 0.65 33.88
CA ASN F 100 -24.17 1.06 32.48
C ASN F 100 -24.70 2.48 32.34
N THR F 101 -24.29 3.35 33.25
CA THR F 101 -24.84 4.69 33.33
C THR F 101 -23.74 5.72 33.31
N LEU F 102 -24.04 6.85 32.67
CA LEU F 102 -23.19 8.03 32.69
C LEU F 102 -23.96 9.16 33.36
N TYR F 103 -23.23 10.06 34.01
CA TYR F 103 -23.86 11.06 34.86
C TYR F 103 -23.22 12.43 34.64
N LEU F 104 -24.00 13.48 34.89
CA LEU F 104 -23.50 14.85 34.92
C LEU F 104 -24.44 15.66 35.81
N GLN F 105 -24.02 15.94 37.04
CA GLN F 105 -24.83 16.76 37.93
C GLN F 105 -24.32 18.19 37.85
N MET F 106 -25.24 19.14 38.04
CA MET F 106 -24.97 20.53 37.72
C MET F 106 -25.12 21.41 38.96
N ASN F 107 -24.16 22.31 39.14
CA ASN F 107 -24.13 23.25 40.25
C ASN F 107 -23.86 24.64 39.72
N SER F 108 -24.41 25.64 40.40
CA SER F 108 -24.16 27.05 40.09
C SER F 108 -24.54 27.38 38.64
N LEU F 109 -25.79 27.07 38.31
CA LEU F 109 -26.26 27.33 36.96
C LEU F 109 -26.42 28.82 36.71
N LYS F 110 -26.03 29.25 35.53
CA LYS F 110 -26.46 30.55 35.09
C LYS F 110 -27.46 30.40 33.96
N PRO F 111 -28.27 31.42 33.68
CA PRO F 111 -29.21 31.35 32.56
C PRO F 111 -28.53 31.58 31.20
N GLU F 112 -27.36 30.96 31.02
CA GLU F 112 -26.66 30.99 29.74
C GLU F 112 -26.37 29.57 29.26
N ASP F 113 -26.25 28.63 30.20
CA ASP F 113 -26.12 27.21 29.84
C ASP F 113 -27.44 26.49 30.06
N THR F 114 -28.35 26.69 29.11
CA THR F 114 -29.73 26.21 29.18
C THR F 114 -30.08 25.34 27.97
N ALA F 115 -29.15 24.50 27.55
CA ALA F 115 -29.24 23.77 26.30
C ALA F 115 -29.79 22.36 26.52
N VAL F 116 -30.04 21.67 25.39
CA VAL F 116 -30.40 20.27 25.41
C VAL F 116 -29.13 19.44 25.47
N TYR F 117 -29.14 18.38 26.27
CA TYR F 117 -27.96 17.60 26.57
C TYR F 117 -27.96 16.26 25.86
N TYR F 118 -26.85 15.94 25.22
CA TYR F 118 -26.72 14.80 24.33
C TYR F 118 -25.57 13.94 24.82
N CYS F 119 -25.90 12.76 25.32
CA CYS F 119 -24.97 11.90 26.03
C CYS F 119 -24.23 11.04 25.00
N ALA F 120 -22.95 11.33 24.78
CA ALA F 120 -22.23 10.86 23.60
C ALA F 120 -21.26 9.73 23.93
N ARG F 121 -20.47 9.34 22.92
CA ARG F 121 -19.65 8.15 22.99
C ARG F 121 -18.56 8.20 21.92
N CYS F 122 -17.46 7.49 22.16
CA CYS F 122 -16.42 7.34 21.15
C CYS F 122 -16.86 6.44 20.01
N PRO F 123 -16.37 6.71 18.82
CA PRO F 123 -16.52 5.75 17.73
C PRO F 123 -15.81 4.46 18.08
N ALA F 124 -14.53 4.59 18.36
CA ALA F 124 -13.58 3.49 18.42
C ALA F 124 -13.24 3.16 19.86
N PRO F 125 -13.42 1.92 20.30
CA PRO F 125 -13.07 1.55 21.67
C PRO F 125 -11.56 1.46 21.85
N PHE F 126 -11.16 1.27 23.10
CA PHE F 126 -9.75 1.11 23.46
C PHE F 126 -8.89 2.23 22.92
N THR F 127 -9.43 3.45 22.94
CA THR F 127 -8.77 4.57 22.29
C THR F 127 -8.94 5.80 23.15
N ARG F 128 -8.02 6.75 22.97
CA ARG F 128 -8.02 7.98 23.75
C ARG F 128 -8.26 9.20 22.88
N ASP F 129 -9.14 9.13 21.90
CA ASP F 129 -9.58 10.33 21.21
C ASP F 129 -10.98 10.13 20.63
N CYS F 130 -11.74 11.22 20.61
CA CYS F 130 -13.07 11.26 20.05
C CYS F 130 -13.05 12.10 18.79
N PHE F 131 -13.63 11.58 17.72
CA PHE F 131 -13.75 12.34 16.47
C PHE F 131 -15.18 12.79 16.26
N ASP F 132 -15.35 14.10 16.15
CA ASP F 132 -16.61 14.70 15.74
C ASP F 132 -17.77 14.21 16.59
N VAL F 133 -17.51 13.96 17.87
CA VAL F 133 -18.62 13.75 18.79
C VAL F 133 -19.63 14.87 18.67
N THR F 134 -19.16 16.07 18.39
CA THR F 134 -20.06 17.17 18.05
C THR F 134 -20.25 17.20 16.53
N SER F 135 -20.77 16.09 16.01
CA SER F 135 -21.14 16.01 14.61
C SER F 135 -22.61 16.37 14.45
N THR F 136 -22.94 17.00 13.33
CA THR F 136 -24.34 17.25 13.06
C THR F 136 -25.12 15.95 12.97
N THR F 137 -24.45 14.85 12.59
CA THR F 137 -25.11 13.59 12.29
C THR F 137 -24.45 12.39 12.94
N TYR F 138 -23.76 12.58 14.06
CA TYR F 138 -23.19 11.46 14.79
C TYR F 138 -24.26 10.43 15.11
N ALA F 139 -23.85 9.17 15.29
CA ALA F 139 -24.78 8.07 15.40
C ALA F 139 -24.69 7.31 16.72
N TYR F 140 -23.95 7.81 17.70
CA TYR F 140 -23.85 7.19 19.01
C TYR F 140 -24.21 8.18 20.11
N ARG F 141 -25.27 8.92 19.91
CA ARG F 141 -25.74 9.91 20.84
C ARG F 141 -26.99 9.40 21.55
N GLY F 142 -27.41 10.15 22.56
CA GLY F 142 -28.72 9.97 23.14
C GLY F 142 -29.77 10.70 22.32
N GLN F 143 -31.03 10.45 22.67
CA GLN F 143 -32.11 11.19 22.04
C GLN F 143 -32.06 12.66 22.46
N GLY F 144 -31.79 12.92 23.73
CA GLY F 144 -31.68 14.29 24.21
C GLY F 144 -32.37 14.56 25.53
N THR F 145 -31.79 15.46 26.31
CA THR F 145 -32.41 16.02 27.52
C THR F 145 -32.31 17.53 27.50
N GLN F 146 -33.44 18.19 27.68
CA GLN F 146 -33.49 19.65 27.68
C GLN F 146 -33.57 20.20 29.10
N VAL F 147 -32.82 21.25 29.35
CA VAL F 147 -32.80 21.90 30.67
C VAL F 147 -33.17 23.36 30.48
N THR F 148 -33.95 23.90 31.41
CA THR F 148 -34.33 25.30 31.36
C THR F 148 -34.22 25.92 32.74
N VAL F 149 -34.22 27.25 32.78
CA VAL F 149 -33.92 28.02 33.97
C VAL F 149 -34.84 29.23 34.03
N SER F 150 -34.65 30.05 35.07
CA SER F 150 -35.28 31.36 35.23
C SER F 150 -36.75 31.30 35.64
N SER F 151 -37.32 30.10 35.67
CA SER F 151 -38.70 29.91 36.10
C SER F 151 -39.02 28.45 36.38
#